data_5N9H
# 
_entry.id   5N9H 
# 
_audit_conform.dict_name       mmcif_pdbx.dic 
_audit_conform.dict_version    5.391 
_audit_conform.dict_location   http://mmcif.pdb.org/dictionaries/ascii/mmcif_pdbx.dic 
# 
loop_
_database_2.database_id 
_database_2.database_code 
_database_2.pdbx_database_accession 
_database_2.pdbx_DOI 
PDB   5N9H         pdb_00005n9h 10.2210/pdb5n9h/pdb 
WWPDB D_1200003194 ?            ?                   
# 
loop_
_pdbx_audit_revision_history.ordinal 
_pdbx_audit_revision_history.data_content_type 
_pdbx_audit_revision_history.major_revision 
_pdbx_audit_revision_history.minor_revision 
_pdbx_audit_revision_history.revision_date 
1 'Structure model' 1 0 2018-02-21 
2 'Structure model' 1 1 2018-03-07 
3 'Structure model' 1 2 2018-03-14 
4 'Structure model' 1 3 2024-05-08 
# 
_pdbx_audit_revision_details.ordinal             1 
_pdbx_audit_revision_details.revision_ordinal    1 
_pdbx_audit_revision_details.data_content_type   'Structure model' 
_pdbx_audit_revision_details.provider            repository 
_pdbx_audit_revision_details.type                'Initial release' 
_pdbx_audit_revision_details.description         ? 
_pdbx_audit_revision_details.details             ? 
# 
loop_
_pdbx_audit_revision_group.ordinal 
_pdbx_audit_revision_group.revision_ordinal 
_pdbx_audit_revision_group.data_content_type 
_pdbx_audit_revision_group.group 
1 2 'Structure model' 'Database references' 
2 3 'Structure model' 'Database references' 
3 4 'Structure model' 'Data collection'     
4 4 'Structure model' 'Database references' 
# 
loop_
_pdbx_audit_revision_category.ordinal 
_pdbx_audit_revision_category.revision_ordinal 
_pdbx_audit_revision_category.data_content_type 
_pdbx_audit_revision_category.category 
1 2 'Structure model' citation        
2 2 'Structure model' citation_author 
3 3 'Structure model' citation        
4 4 'Structure model' chem_comp_atom  
5 4 'Structure model' chem_comp_bond  
6 4 'Structure model' database_2      
# 
loop_
_pdbx_audit_revision_item.ordinal 
_pdbx_audit_revision_item.revision_ordinal 
_pdbx_audit_revision_item.data_content_type 
_pdbx_audit_revision_item.item 
1 2 'Structure model' '_citation.journal_abbrev'            
2 2 'Structure model' '_citation.pdbx_database_id_PubMed'   
3 2 'Structure model' '_citation.title'                     
4 2 'Structure model' '_citation_author.name'               
5 3 'Structure model' '_citation.journal_volume'            
6 3 'Structure model' '_citation.page_first'                
7 3 'Structure model' '_citation.page_last'                 
8 4 'Structure model' '_database_2.pdbx_DOI'                
9 4 'Structure model' '_database_2.pdbx_database_accession' 
# 
_pdbx_database_status.status_code                     REL 
_pdbx_database_status.status_code_sf                  REL 
_pdbx_database_status.status_code_mr                  ? 
_pdbx_database_status.entry_id                        5N9H 
_pdbx_database_status.recvd_initial_deposition_date   2017-02-24 
_pdbx_database_status.SG_entry                        N 
_pdbx_database_status.deposit_site                    PDBE 
_pdbx_database_status.process_site                    PDBE 
_pdbx_database_status.status_code_cs                  ? 
_pdbx_database_status.methods_development_category    ? 
_pdbx_database_status.pdb_format_compatible           Y 
_pdbx_database_status.status_code_nmr_data            ? 
# 
loop_
_audit_author.name 
_audit_author.pdbx_ordinal 
_audit_author.identifier_ORCID 
'Nasrallah, C.'   1 ? 
'Colletier, J.P.' 2 ? 
# 
_citation.abstract                  ? 
_citation.abstract_id_CAS           ? 
_citation.book_id_ISBN              ? 
_citation.book_publisher            ? 
_citation.book_publisher_city       ? 
_citation.book_title                ? 
_citation.coordinate_linkage        ? 
_citation.country                   US 
_citation.database_id_Medline       ? 
_citation.details                   ? 
_citation.id                        primary 
_citation.journal_abbrev            'Proc. Natl. Acad. Sci. U.S.A.' 
_citation.journal_id_ASTM           PNASA6 
_citation.journal_id_CSD            0040 
_citation.journal_id_ISSN           1091-6490 
_citation.journal_full              ? 
_citation.journal_issue             ? 
_citation.journal_volume            115 
_citation.language                  ? 
_citation.page_first                E2220 
_citation.page_last                 E2228 
_citation.title                     'Porin self-association enables cell-to-cell contact in' 
_citation.year                      2018 
_citation.database_id_CSD           ? 
_citation.pdbx_database_id_DOI      10.1073/pnas.1714582115 
_citation.pdbx_database_id_PubMed   29476011 
_citation.unpublished_flag          ? 
# 
loop_
_citation_author.citation_id 
_citation_author.name 
_citation_author.ordinal 
_citation_author.identifier_ORCID 
primary 'El-Khatib, M.'    1  ? 
primary 'Nasrallah, C.'    2  ? 
primary 'Lopes, J.'        3  ? 
primary 'Tran, Q.T.'       4  ? 
primary 'Tetreau, G.'      5  ? 
primary 'Basbous, H.'      6  ? 
primary 'Fenel, D.'        7  ? 
primary 'Gallet, B.'       8  ? 
primary 'Lethier, M.'      9  ? 
primary 'Bolla, J.M.'      10 ? 
primary 'Pages, J.M.'      11 ? 
primary 'Vivaudou, M.'     12 ? 
primary 'Weik, M.'         13 ? 
primary 'Winterhalter, M.' 14 ? 
primary 'Colletier, J.P.'  15 ? 
# 
loop_
_entity.id 
_entity.type 
_entity.src_method 
_entity.pdbx_description 
_entity.formula_weight 
_entity.pdbx_number_of_molecules 
_entity.pdbx_ec 
_entity.pdbx_mutation 
_entity.pdbx_fragment 
_entity.details 
1 polymer     syn Porin         465.501 4 ? ? 'DIMERIZATION DOMAIN, UNP residues 305-308' ? 
2 non-polymer syn 'SULFATE ION' 96.063  2 ? ? ?                                           ? 
3 water       nat water         18.015  8 ? ? ?                                           ? 
# 
_entity_poly.entity_id                      1 
_entity_poly.type                           'polypeptide(L)' 
_entity_poly.nstd_linkage                   no 
_entity_poly.nstd_monomer                   no 
_entity_poly.pdbx_seq_one_letter_code       LGNY 
_entity_poly.pdbx_seq_one_letter_code_can   LGNY 
_entity_poly.pdbx_strand_id                 A,B,C,M 
_entity_poly.pdbx_target_identifier         ? 
# 
loop_
_pdbx_entity_nonpoly.entity_id 
_pdbx_entity_nonpoly.name 
_pdbx_entity_nonpoly.comp_id 
2 'SULFATE ION' SO4 
3 water         HOH 
# 
loop_
_entity_poly_seq.entity_id 
_entity_poly_seq.num 
_entity_poly_seq.mon_id 
_entity_poly_seq.hetero 
1 1 LEU n 
1 2 GLY n 
1 3 ASN n 
1 4 TYR n 
# 
_pdbx_entity_src_syn.entity_id              1 
_pdbx_entity_src_syn.pdbx_src_id            1 
_pdbx_entity_src_syn.pdbx_alt_source_flag   sample 
_pdbx_entity_src_syn.pdbx_beg_seq_num       1 
_pdbx_entity_src_syn.pdbx_end_seq_num       4 
_pdbx_entity_src_syn.organism_scientific    'Providencia stuartii' 
_pdbx_entity_src_syn.organism_common_name   ? 
_pdbx_entity_src_syn.ncbi_taxonomy_id       588 
_pdbx_entity_src_syn.details                ? 
# 
loop_
_chem_comp.id 
_chem_comp.type 
_chem_comp.mon_nstd_flag 
_chem_comp.name 
_chem_comp.pdbx_synonyms 
_chem_comp.formula 
_chem_comp.formula_weight 
ASN 'L-peptide linking' y ASPARAGINE    ? 'C4 H8 N2 O3' 132.118 
GLY 'peptide linking'   y GLYCINE       ? 'C2 H5 N O2'  75.067  
HOH non-polymer         . WATER         ? 'H2 O'        18.015  
LEU 'L-peptide linking' y LEUCINE       ? 'C6 H13 N O2' 131.173 
SO4 non-polymer         . 'SULFATE ION' ? 'O4 S -2'     96.063  
TYR 'L-peptide linking' y TYROSINE      ? 'C9 H11 N O3' 181.189 
# 
loop_
_pdbx_poly_seq_scheme.asym_id 
_pdbx_poly_seq_scheme.entity_id 
_pdbx_poly_seq_scheme.seq_id 
_pdbx_poly_seq_scheme.mon_id 
_pdbx_poly_seq_scheme.ndb_seq_num 
_pdbx_poly_seq_scheme.pdb_seq_num 
_pdbx_poly_seq_scheme.auth_seq_num 
_pdbx_poly_seq_scheme.pdb_mon_id 
_pdbx_poly_seq_scheme.auth_mon_id 
_pdbx_poly_seq_scheme.pdb_strand_id 
_pdbx_poly_seq_scheme.pdb_ins_code 
_pdbx_poly_seq_scheme.hetero 
A 1 1 LEU 1 255 255 LEU LEU A . n 
A 1 2 GLY 2 256 256 GLY GLY A . n 
A 1 3 ASN 3 257 257 ASN ASN A . n 
A 1 4 TYR 4 258 258 TYR TYR A . n 
B 1 1 LEU 1 255 255 LEU LEU B . n 
B 1 2 GLY 2 256 256 GLY GLY B . n 
B 1 3 ASN 3 257 257 ASN ASN B . n 
B 1 4 TYR 4 258 258 TYR TYR B . n 
C 1 1 LEU 1 255 255 LEU LEU C . n 
C 1 2 GLY 2 256 256 GLY GLY C . n 
C 1 3 ASN 3 257 257 ASN ASN C . n 
C 1 4 TYR 4 258 258 TYR TYR C . n 
D 1 1 LEU 1 255 255 LEU LEU M . n 
D 1 2 GLY 2 256 256 GLY GLY M . n 
D 1 3 ASN 3 257 257 ASN ASN M . n 
D 1 4 TYR 4 258 258 TYR TYR M . n 
# 
loop_
_pdbx_nonpoly_scheme.asym_id 
_pdbx_nonpoly_scheme.entity_id 
_pdbx_nonpoly_scheme.mon_id 
_pdbx_nonpoly_scheme.ndb_seq_num 
_pdbx_nonpoly_scheme.pdb_seq_num 
_pdbx_nonpoly_scheme.auth_seq_num 
_pdbx_nonpoly_scheme.pdb_mon_id 
_pdbx_nonpoly_scheme.auth_mon_id 
_pdbx_nonpoly_scheme.pdb_strand_id 
_pdbx_nonpoly_scheme.pdb_ins_code 
E 2 SO4 1 301  1259 SO4 SO4 A . 
F 2 SO4 1 301  1259 SO4 SO4 B . 
G 3 HOH 1 2001 2001 HOH HOH A . 
G 3 HOH 2 2002 2003 HOH HOH A . 
G 3 HOH 3 2003 2002 HOH HOH A . 
H 3 HOH 1 2001 2001 HOH HOH B . 
H 3 HOH 2 2002 2003 HOH HOH B . 
H 3 HOH 3 2003 2002 HOH HOH B . 
I 3 HOH 1 2001 2001 HOH HOH C . 
J 3 HOH 1 2001 2001 HOH HOH M . 
# 
loop_
_software.citation_id 
_software.classification 
_software.compiler_name 
_software.compiler_version 
_software.contact_author 
_software.contact_author_email 
_software.date 
_software.description 
_software.dependencies 
_software.hardware 
_software.language 
_software.location 
_software.mods 
_software.name 
_software.os 
_software.os_version 
_software.type 
_software.version 
_software.pdbx_ordinal 
? 'data reduction' ? ? ? ? ? ? ? ? ? ? ? XDS    ? ? ? . 1 
? 'data scaling'   ? ? ? ? ? ? ? ? ? ? ? XSCALE ? ? ? . 2 
? phasing          ? ? ? ? ? ? ? ? ? ? ? SHELXD ? ? ? . 3 
? phasing          ? ? ? ? ? ? ? ? ? ? ? SHELXE ? ? ? . 4 
? refinement       ? ? ? ? ? ? ? ? ? ? ? PHENIX ? ? ? . 5 
? phasing          ? ? ? ? ? ? ? ? ? ? ? SHELXL ? ? ? . 6 
# 
_cell.angle_alpha                  90.01 
_cell.angle_alpha_esd              ? 
_cell.angle_beta                   90.01 
_cell.angle_beta_esd               ? 
_cell.angle_gamma                  90.01 
_cell.angle_gamma_esd              ? 
_cell.entry_id                     5N9H 
_cell.details                      ? 
_cell.formula_units_Z              ? 
_cell.length_a                     4.784 
_cell.length_a_esd                 ? 
_cell.length_b                     11.546 
_cell.length_b_esd                 ? 
_cell.length_c                     47.044 
_cell.length_c_esd                 ? 
_cell.volume                       ? 
_cell.volume_esd                   ? 
_cell.Z_PDB                        4 
_cell.reciprocal_angle_alpha       ? 
_cell.reciprocal_angle_beta        ? 
_cell.reciprocal_angle_gamma       ? 
_cell.reciprocal_angle_alpha_esd   ? 
_cell.reciprocal_angle_beta_esd    ? 
_cell.reciprocal_angle_gamma_esd   ? 
_cell.reciprocal_length_a          ? 
_cell.reciprocal_length_b          ? 
_cell.reciprocal_length_c          ? 
_cell.reciprocal_length_a_esd      ? 
_cell.reciprocal_length_b_esd      ? 
_cell.reciprocal_length_c_esd      ? 
_cell.pdbx_unique_axis             ? 
# 
_symmetry.entry_id                         5N9H 
_symmetry.cell_setting                     ? 
_symmetry.Int_Tables_number                1 
_symmetry.space_group_name_Hall            ? 
_symmetry.space_group_name_H-M             'P 1' 
_symmetry.pdbx_full_space_group_name_H-M   ? 
# 
_exptl.absorpt_coefficient_mu     ? 
_exptl.absorpt_correction_T_max   ? 
_exptl.absorpt_correction_T_min   ? 
_exptl.absorpt_correction_type    ? 
_exptl.absorpt_process_details    ? 
_exptl.entry_id                   5N9H 
_exptl.crystals_number            1 
_exptl.details                    ? 
_exptl.method                     'X-RAY DIFFRACTION' 
_exptl.method_details             ? 
# 
_exptl_crystal.colour                      ? 
_exptl_crystal.density_diffrn              ? 
_exptl_crystal.density_Matthews            1.45 
_exptl_crystal.density_method              ? 
_exptl_crystal.density_percent_sol         15.4 
_exptl_crystal.description                 Needles 
_exptl_crystal.F_000                       ? 
_exptl_crystal.id                          1 
_exptl_crystal.preparation                 ? 
_exptl_crystal.size_max                    ? 
_exptl_crystal.size_mid                    ? 
_exptl_crystal.size_min                    ? 
_exptl_crystal.size_rad                    ? 
_exptl_crystal.colour_lustre               ? 
_exptl_crystal.colour_modifier             ? 
_exptl_crystal.colour_primary              ? 
_exptl_crystal.density_meas                ? 
_exptl_crystal.density_meas_esd            ? 
_exptl_crystal.density_meas_gt             ? 
_exptl_crystal.density_meas_lt             ? 
_exptl_crystal.density_meas_temp           ? 
_exptl_crystal.density_meas_temp_esd       ? 
_exptl_crystal.density_meas_temp_gt        ? 
_exptl_crystal.density_meas_temp_lt        ? 
_exptl_crystal.pdbx_crystal_image_url      ? 
_exptl_crystal.pdbx_crystal_image_format   ? 
_exptl_crystal.pdbx_mosaicity              ? 
_exptl_crystal.pdbx_mosaicity_esd          ? 
# 
_exptl_crystal_grow.apparatus       ? 
_exptl_crystal_grow.atmosphere      ? 
_exptl_crystal_grow.crystal_id      1 
_exptl_crystal_grow.details         ? 
_exptl_crystal_grow.method          'VAPOR DIFFUSION, HANGING DROP' 
_exptl_crystal_grow.method_ref      ? 
_exptl_crystal_grow.pH              4 
_exptl_crystal_grow.pressure        ? 
_exptl_crystal_grow.pressure_esd    ? 
_exptl_crystal_grow.seeding         ? 
_exptl_crystal_grow.seeding_ref     ? 
_exptl_crystal_grow.temp            293 
_exptl_crystal_grow.temp_details    ? 
_exptl_crystal_grow.temp_esd        ? 
_exptl_crystal_grow.time            ? 
_exptl_crystal_grow.pdbx_details    
;3.2 M AMMONIUM SULFATE;
 0.1 M BUFFER ACID CITRIC PH4
;
_exptl_crystal_grow.pdbx_pH_range   ? 
# 
_diffrn.ambient_environment    ? 
_diffrn.ambient_temp           100 
_diffrn.ambient_temp_details   ? 
_diffrn.ambient_temp_esd       ? 
_diffrn.crystal_id             1 
_diffrn.crystal_support        ? 
_diffrn.crystal_treatment      ? 
_diffrn.details                ? 
_diffrn.id                     1 
_diffrn.ambient_pressure       ? 
_diffrn.ambient_pressure_esd   ? 
_diffrn.ambient_pressure_gt    ? 
_diffrn.ambient_pressure_lt    ? 
_diffrn.ambient_temp_gt        ? 
_diffrn.ambient_temp_lt        ? 
# 
_diffrn_detector.details                      ? 
_diffrn_detector.detector                     CCD 
_diffrn_detector.diffrn_id                    1 
_diffrn_detector.type                         'ADSC QUANTUM 315r' 
_diffrn_detector.area_resol_mean              ? 
_diffrn_detector.dtime                        ? 
_diffrn_detector.pdbx_frames_total            ? 
_diffrn_detector.pdbx_collection_time_total   ? 
_diffrn_detector.pdbx_collection_date         2012-05-31 
# 
_diffrn_radiation.collimation                      ? 
_diffrn_radiation.diffrn_id                        1 
_diffrn_radiation.filter_edge                      ? 
_diffrn_radiation.inhomogeneity                    ? 
_diffrn_radiation.monochromator                    ? 
_diffrn_radiation.polarisn_norm                    ? 
_diffrn_radiation.polarisn_ratio                   ? 
_diffrn_radiation.probe                            ? 
_diffrn_radiation.type                             ? 
_diffrn_radiation.xray_symbol                      ? 
_diffrn_radiation.wavelength_id                    1 
_diffrn_radiation.pdbx_monochromatic_or_laue_m_l   M 
_diffrn_radiation.pdbx_wavelength_list             ? 
_diffrn_radiation.pdbx_wavelength                  ? 
_diffrn_radiation.pdbx_diffrn_protocol             'SINGLE WAVELENGTH' 
_diffrn_radiation.pdbx_analyzer                    ? 
_diffrn_radiation.pdbx_scattering_type             x-ray 
# 
_diffrn_radiation_wavelength.id           1 
_diffrn_radiation_wavelength.wavelength   0.873 
_diffrn_radiation_wavelength.wt           1.0 
# 
_diffrn_source.current                     ? 
_diffrn_source.details                     ? 
_diffrn_source.diffrn_id                   1 
_diffrn_source.power                       ? 
_diffrn_source.size                        ? 
_diffrn_source.source                      SYNCHROTRON 
_diffrn_source.target                      ? 
_diffrn_source.type                        'ESRF BEAMLINE ID23-2' 
_diffrn_source.voltage                     ? 
_diffrn_source.take-off_angle              ? 
_diffrn_source.pdbx_wavelength_list        0.873 
_diffrn_source.pdbx_wavelength             ? 
_diffrn_source.pdbx_synchrotron_beamline   ID23-2 
_diffrn_source.pdbx_synchrotron_site       ESRF 
# 
_reflns.B_iso_Wilson_estimate            1.68 
_reflns.entry_id                         5N9H 
_reflns.data_reduction_details           ? 
_reflns.data_reduction_method            ? 
_reflns.d_resolution_high                0.997 
_reflns.d_resolution_low                 47.04 
_reflns.details                          ? 
_reflns.limit_h_max                      ? 
_reflns.limit_h_min                      ? 
_reflns.limit_k_max                      ? 
_reflns.limit_k_min                      ? 
_reflns.limit_l_max                      ? 
_reflns.limit_l_min                      ? 
_reflns.number_all                       ? 
_reflns.number_obs                       4934 
_reflns.observed_criterion               ? 
_reflns.observed_criterion_F_max         ? 
_reflns.observed_criterion_F_min         ? 
_reflns.observed_criterion_I_max         ? 
_reflns.observed_criterion_I_min         ? 
_reflns.observed_criterion_sigma_F       ? 
_reflns.observed_criterion_sigma_I       5.5 
_reflns.percent_possible_obs             89.7 
_reflns.R_free_details                   ? 
_reflns.Rmerge_F_all                     ? 
_reflns.Rmerge_F_obs                     ? 
_reflns.Friedel_coverage                 ? 
_reflns.number_gt                        ? 
_reflns.threshold_expression             ? 
_reflns.pdbx_redundancy                  2.17 
_reflns.pdbx_Rmerge_I_obs                0.04 
_reflns.pdbx_Rmerge_I_all                ? 
_reflns.pdbx_Rsym_value                  ? 
_reflns.pdbx_netI_over_av_sigmaI         ? 
_reflns.pdbx_netI_over_sigmaI            14.81 
_reflns.pdbx_res_netI_over_av_sigmaI_2   ? 
_reflns.pdbx_res_netI_over_sigmaI_2      ? 
_reflns.pdbx_chi_squared                 ? 
_reflns.pdbx_scaling_rejects             ? 
_reflns.pdbx_d_res_high_opt              ? 
_reflns.pdbx_d_res_low_opt               ? 
_reflns.pdbx_d_res_opt_method            ? 
_reflns.phase_calculation_details        ? 
_reflns.pdbx_Rrim_I_all                  ? 
_reflns.pdbx_Rpim_I_all                  ? 
_reflns.pdbx_d_opt                       ? 
_reflns.pdbx_number_measured_all         ? 
_reflns.pdbx_diffrn_id                   1 
_reflns.pdbx_ordinal                     1 
_reflns.pdbx_CC_half                     ? 
_reflns.pdbx_R_split                     ? 
# 
_reflns_shell.d_res_high                  1.00 
_reflns_shell.d_res_low                   1.06 
_reflns_shell.meanI_over_sigI_all         ? 
_reflns_shell.meanI_over_sigI_obs         5.47 
_reflns_shell.number_measured_all         ? 
_reflns_shell.number_measured_obs         ? 
_reflns_shell.number_possible             ? 
_reflns_shell.number_unique_all           ? 
_reflns_shell.number_unique_obs           ? 
_reflns_shell.percent_possible_all        87.4 
_reflns_shell.percent_possible_obs        ? 
_reflns_shell.Rmerge_F_all                ? 
_reflns_shell.Rmerge_F_obs                ? 
_reflns_shell.Rmerge_I_all                ? 
_reflns_shell.Rmerge_I_obs                0.15 
_reflns_shell.meanI_over_sigI_gt          ? 
_reflns_shell.meanI_over_uI_all           ? 
_reflns_shell.meanI_over_uI_gt            ? 
_reflns_shell.number_measured_gt          ? 
_reflns_shell.number_unique_gt            ? 
_reflns_shell.percent_possible_gt         ? 
_reflns_shell.Rmerge_F_gt                 ? 
_reflns_shell.Rmerge_I_gt                 ? 
_reflns_shell.pdbx_redundancy             2.12 
_reflns_shell.pdbx_Rsym_value             ? 
_reflns_shell.pdbx_chi_squared            ? 
_reflns_shell.pdbx_netI_over_sigmaI_all   ? 
_reflns_shell.pdbx_netI_over_sigmaI_obs   ? 
_reflns_shell.pdbx_Rrim_I_all             ? 
_reflns_shell.pdbx_Rpim_I_all             ? 
_reflns_shell.pdbx_rejects                ? 
_reflns_shell.pdbx_ordinal                1 
_reflns_shell.pdbx_diffrn_id              1 
_reflns_shell.pdbx_CC_half                ? 
_reflns_shell.pdbx_R_split                ? 
# 
_refine.aniso_B[1][1]                            0.1048 
_refine.aniso_B[1][2]                            0.3781 
_refine.aniso_B[1][3]                            -0.0048 
_refine.aniso_B[2][2]                            -0.4220 
_refine.aniso_B[2][3]                            0.3629 
_refine.aniso_B[3][3]                            -0.2565 
_refine.B_iso_max                                ? 
_refine.B_iso_mean                               2.6 
_refine.B_iso_min                                ? 
_refine.correlation_coeff_Fo_to_Fc               ? 
_refine.correlation_coeff_Fo_to_Fc_free          ? 
_refine.details                                  ? 
_refine.diff_density_max                         ? 
_refine.diff_density_max_esd                     ? 
_refine.diff_density_min                         ? 
_refine.diff_density_min_esd                     ? 
_refine.diff_density_rms                         ? 
_refine.diff_density_rms_esd                     ? 
_refine.entry_id                                 5N9H 
_refine.pdbx_refine_id                           'X-RAY DIFFRACTION' 
_refine.ls_abs_structure_details                 ? 
_refine.ls_abs_structure_Flack                   ? 
_refine.ls_abs_structure_Flack_esd               ? 
_refine.ls_abs_structure_Rogers                  ? 
_refine.ls_abs_structure_Rogers_esd              ? 
_refine.ls_d_res_high                            0.997 
_refine.ls_d_res_low                             23.522 
_refine.ls_extinction_coef                       ? 
_refine.ls_extinction_coef_esd                   ? 
_refine.ls_extinction_expression                 ? 
_refine.ls_extinction_method                     ? 
_refine.ls_goodness_of_fit_all                   ? 
_refine.ls_goodness_of_fit_all_esd               ? 
_refine.ls_goodness_of_fit_obs                   ? 
_refine.ls_goodness_of_fit_obs_esd               ? 
_refine.ls_hydrogen_treatment                    ? 
_refine.ls_matrix_type                           ? 
_refine.ls_number_constraints                    ? 
_refine.ls_number_parameters                     ? 
_refine.ls_number_reflns_all                     ? 
_refine.ls_number_reflns_obs                     4918 
_refine.ls_number_reflns_R_free                  246 
_refine.ls_number_reflns_R_work                  ? 
_refine.ls_number_restraints                     ? 
_refine.ls_percent_reflns_obs                    89.39 
_refine.ls_percent_reflns_R_free                 5.0 
_refine.ls_R_factor_all                          ? 
_refine.ls_R_factor_obs                          0.0818 
_refine.ls_R_factor_R_free                       0.0959 
_refine.ls_R_factor_R_free_error                 ? 
_refine.ls_R_factor_R_free_error_details         ? 
_refine.ls_R_factor_R_work                       0.0811 
_refine.ls_R_Fsqd_factor_obs                     ? 
_refine.ls_R_I_factor_obs                        ? 
_refine.ls_redundancy_reflns_all                 ? 
_refine.ls_redundancy_reflns_obs                 ? 
_refine.ls_restrained_S_all                      ? 
_refine.ls_restrained_S_obs                      ? 
_refine.ls_shift_over_esd_max                    ? 
_refine.ls_shift_over_esd_mean                   ? 
_refine.ls_structure_factor_coef                 ? 
_refine.ls_weighting_details                     ? 
_refine.ls_weighting_scheme                      ? 
_refine.ls_wR_factor_all                         ? 
_refine.ls_wR_factor_obs                         ? 
_refine.ls_wR_factor_R_free                      ? 
_refine.ls_wR_factor_R_work                      ? 
_refine.occupancy_max                            ? 
_refine.occupancy_min                            ? 
_refine.solvent_model_details                    ? 
_refine.solvent_model_param_bsol                 0.000 
_refine.solvent_model_param_ksol                 0.000 
_refine.ls_R_factor_gt                           ? 
_refine.ls_goodness_of_fit_gt                    ? 
_refine.ls_goodness_of_fit_ref                   ? 
_refine.ls_shift_over_su_max                     ? 
_refine.ls_shift_over_su_max_lt                  ? 
_refine.ls_shift_over_su_mean                    ? 
_refine.ls_shift_over_su_mean_lt                 ? 
_refine.pdbx_ls_sigma_I                          ? 
_refine.pdbx_ls_sigma_F                          2.03 
_refine.pdbx_ls_sigma_Fsqd                       ? 
_refine.pdbx_data_cutoff_high_absF               ? 
_refine.pdbx_data_cutoff_high_rms_absF           ? 
_refine.pdbx_data_cutoff_low_absF                ? 
_refine.pdbx_isotropic_thermal_model             ? 
_refine.pdbx_ls_cross_valid_method               NONE 
_refine.pdbx_method_to_determine_struct          'AB INITIO PHASING' 
_refine.pdbx_starting_model                      ? 
_refine.pdbx_stereochemistry_target_values       ? 
_refine.pdbx_R_Free_selection_details            ? 
_refine.pdbx_stereochem_target_val_spec_case     ? 
_refine.pdbx_overall_ESU_R                       ? 
_refine.pdbx_overall_ESU_R_Free                  ? 
_refine.pdbx_solvent_vdw_probe_radii             1.11 
_refine.pdbx_solvent_ion_probe_radii             ? 
_refine.pdbx_solvent_shrinkage_radii             0.90 
_refine.pdbx_real_space_R                        ? 
_refine.pdbx_density_correlation                 ? 
_refine.pdbx_pd_number_of_powder_patterns        ? 
_refine.pdbx_pd_number_of_points                 ? 
_refine.pdbx_pd_meas_number_of_points            ? 
_refine.pdbx_pd_proc_ls_prof_R_factor            ? 
_refine.pdbx_pd_proc_ls_prof_wR_factor           ? 
_refine.pdbx_pd_Marquardt_correlation_coeff      ? 
_refine.pdbx_pd_Fsqrd_R_factor                   ? 
_refine.pdbx_pd_ls_matrix_band_width             ? 
_refine.pdbx_overall_phase_error                 8.97 
_refine.pdbx_overall_SU_R_free_Cruickshank_DPI   ? 
_refine.pdbx_overall_SU_R_free_Blow_DPI          ? 
_refine.pdbx_overall_SU_R_Blow_DPI               ? 
_refine.pdbx_TLS_residual_ADP_flag               ? 
_refine.pdbx_diffrn_id                           1 
_refine.overall_SU_B                             ? 
_refine.overall_SU_ML                            0.14 
_refine.overall_SU_R_Cruickshank_DPI             ? 
_refine.overall_SU_R_free                        ? 
_refine.overall_FOM_free_R_set                   ? 
_refine.overall_FOM_work_R_set                   ? 
_refine.pdbx_average_fsc_overall                 ? 
_refine.pdbx_average_fsc_work                    ? 
_refine.pdbx_average_fsc_free                    ? 
# 
_refine_hist.pdbx_refine_id                   'X-RAY DIFFRACTION' 
_refine_hist.cycle_id                         LAST 
_refine_hist.pdbx_number_atoms_protein        132 
_refine_hist.pdbx_number_atoms_nucleic_acid   0 
_refine_hist.pdbx_number_atoms_ligand         10 
_refine_hist.number_atoms_solvent             8 
_refine_hist.number_atoms_total               150 
_refine_hist.d_res_high                       0.997 
_refine_hist.d_res_low                        23.522 
# 
loop_
_refine_ls_restr.pdbx_refine_id 
_refine_ls_restr.criterion 
_refine_ls_restr.dev_ideal 
_refine_ls_restr.dev_ideal_target 
_refine_ls_restr.number 
_refine_ls_restr.rejects 
_refine_ls_restr.type 
_refine_ls_restr.weight 
_refine_ls_restr.pdbx_restraint_function 
'X-RAY DIFFRACTION' ? 0.013  ? 148 ? f_bond_d           ? ? 
'X-RAY DIFFRACTION' ? 1.929  ? 200 ? f_angle_d          ? ? 
'X-RAY DIFFRACTION' ? 11.338 ? 44  ? f_dihedral_angle_d ? ? 
'X-RAY DIFFRACTION' ? 0.113  ? 16  ? f_chiral_restr     ? ? 
'X-RAY DIFFRACTION' ? 0.007  ? 24  ? f_plane_restr      ? ? 
# 
loop_
_refine_ls_shell.pdbx_refine_id 
_refine_ls_shell.d_res_high 
_refine_ls_shell.d_res_low 
_refine_ls_shell.number_reflns_all 
_refine_ls_shell.number_reflns_obs 
_refine_ls_shell.number_reflns_R_free 
_refine_ls_shell.number_reflns_R_work 
_refine_ls_shell.percent_reflns_obs 
_refine_ls_shell.percent_reflns_R_free 
_refine_ls_shell.R_factor_all 
_refine_ls_shell.R_factor_obs 
_refine_ls_shell.R_factor_R_free 
_refine_ls_shell.R_factor_R_free_error 
_refine_ls_shell.R_factor_R_work 
_refine_ls_shell.redundancy_reflns_all 
_refine_ls_shell.redundancy_reflns_obs 
_refine_ls_shell.wR_factor_all 
_refine_ls_shell.wR_factor_obs 
_refine_ls_shell.wR_factor_R_free 
_refine_ls_shell.wR_factor_R_work 
_refine_ls_shell.pdbx_total_number_of_bins_used 
_refine_ls_shell.pdbx_phase_error 
_refine_ls_shell.pdbx_fsc_work 
_refine_ls_shell.pdbx_fsc_free 
'X-RAY DIFFRACTION' 0.9972 1.2564  . . 121 2306 87.00 . . . 0.1167 . 0.0971 . . . . . . . . . . 
'X-RAY DIFFRACTION' 1.2564 23.5285 . . 125 2366 91.00 . . . 0.0831 . 0.0716 . . . . . . . . . . 
# 
_struct.entry_id                     5N9H 
_struct.title                        
'STRUCTURE OF 283-LGNY-286, THE STERIC ZIPPER THAT SUPPORTS THE SELF-ASSOCIATION OF P. STUARTII OMP-PST2 INTO DIMERS OF TRIMERS' 
_struct.pdbx_model_details           ? 
_struct.pdbx_formula_weight          ? 
_struct.pdbx_formula_weight_method   ? 
_struct.pdbx_model_type_details      ? 
_struct.pdbx_CASP_flag               N 
# 
_struct_keywords.entry_id        5N9H 
_struct_keywords.text            'STERIC-ZIPPER, PORIN, MICRO-CRYSTAL, SELF-ASSOCIATION, cell adhesion' 
_struct_keywords.pdbx_keywords   'CELL ADHESION' 
# 
loop_
_struct_asym.id 
_struct_asym.pdbx_blank_PDB_chainid_flag 
_struct_asym.pdbx_modified 
_struct_asym.entity_id 
_struct_asym.details 
A N N 1 ? 
B N N 1 ? 
C N N 1 ? 
D N N 1 ? 
E N N 2 ? 
F N N 2 ? 
G N N 3 ? 
H N N 3 ? 
I N N 3 ? 
J N N 3 ? 
# 
_struct_ref.id                         1 
_struct_ref.db_name                    UNP 
_struct_ref.db_code                    A0A0L6X8Y0_PROST 
_struct_ref.pdbx_db_accession          A0A0L6X8Y0 
_struct_ref.pdbx_db_isoform            ? 
_struct_ref.entity_id                  1 
_struct_ref.pdbx_seq_one_letter_code   LGNY 
_struct_ref.pdbx_align_begin           305 
# 
loop_
_struct_ref_seq.align_id 
_struct_ref_seq.ref_id 
_struct_ref_seq.pdbx_PDB_id_code 
_struct_ref_seq.pdbx_strand_id 
_struct_ref_seq.seq_align_beg 
_struct_ref_seq.pdbx_seq_align_beg_ins_code 
_struct_ref_seq.seq_align_end 
_struct_ref_seq.pdbx_seq_align_end_ins_code 
_struct_ref_seq.pdbx_db_accession 
_struct_ref_seq.db_align_beg 
_struct_ref_seq.pdbx_db_align_beg_ins_code 
_struct_ref_seq.db_align_end 
_struct_ref_seq.pdbx_db_align_end_ins_code 
_struct_ref_seq.pdbx_auth_seq_align_beg 
_struct_ref_seq.pdbx_auth_seq_align_end 
1 1 5N9H A 1 ? 4 ? A0A0L6X8Y0 305 ? 308 ? 255 258 
2 1 5N9H B 1 ? 4 ? A0A0L6X8Y0 305 ? 308 ? 255 258 
3 1 5N9H C 1 ? 4 ? A0A0L6X8Y0 305 ? 308 ? 255 258 
4 1 5N9H M 1 ? 4 ? A0A0L6X8Y0 305 ? 308 ? 255 258 
# 
_pdbx_struct_assembly.id                   1 
_pdbx_struct_assembly.details              software_defined_assembly 
_pdbx_struct_assembly.method_details       PISA 
_pdbx_struct_assembly.oligomeric_details   tetrameric 
_pdbx_struct_assembly.oligomeric_count     4 
# 
loop_
_pdbx_struct_assembly_prop.biol_id 
_pdbx_struct_assembly_prop.type 
_pdbx_struct_assembly_prop.value 
_pdbx_struct_assembly_prop.details 
1 'ABSA (A^2)' 430  ? 
1 MORE         -15  ? 
1 'SSA (A^2)'  2700 ? 
# 
_pdbx_struct_assembly_gen.assembly_id       1 
_pdbx_struct_assembly_gen.oper_expression   1 
_pdbx_struct_assembly_gen.asym_id_list      A,B,C,D,E,F,G,H,I,J 
# 
_pdbx_struct_assembly_auth_evidence.id                     1 
_pdbx_struct_assembly_auth_evidence.assembly_id            1 
_pdbx_struct_assembly_auth_evidence.experimental_support   none 
_pdbx_struct_assembly_auth_evidence.details                ? 
# 
_pdbx_struct_oper_list.id                   1 
_pdbx_struct_oper_list.type                 'identity operation' 
_pdbx_struct_oper_list.name                 1_555 
_pdbx_struct_oper_list.symmetry_operation   x,y,z 
_pdbx_struct_oper_list.matrix[1][1]         1.0000000000 
_pdbx_struct_oper_list.matrix[1][2]         0.0000000000 
_pdbx_struct_oper_list.matrix[1][3]         0.0000000000 
_pdbx_struct_oper_list.vector[1]            0.0000000000 
_pdbx_struct_oper_list.matrix[2][1]         0.0000000000 
_pdbx_struct_oper_list.matrix[2][2]         1.0000000000 
_pdbx_struct_oper_list.matrix[2][3]         0.0000000000 
_pdbx_struct_oper_list.vector[2]            0.0000000000 
_pdbx_struct_oper_list.matrix[3][1]         0.0000000000 
_pdbx_struct_oper_list.matrix[3][2]         0.0000000000 
_pdbx_struct_oper_list.matrix[3][3]         1.0000000000 
_pdbx_struct_oper_list.vector[3]            0.0000000000 
# 
loop_
_struct_site.id 
_struct_site.pdbx_evidence_code 
_struct_site.pdbx_auth_asym_id 
_struct_site.pdbx_auth_comp_id 
_struct_site.pdbx_auth_seq_id 
_struct_site.pdbx_auth_ins_code 
_struct_site.pdbx_num_residues 
_struct_site.details 
AC1 Software A SO4 301 ? 10 'binding site for residue SO4 A 301' 
AC2 Software B SO4 301 ? 10 'binding site for residue SO4 B 301' 
# 
loop_
_struct_site_gen.id 
_struct_site_gen.site_id 
_struct_site_gen.pdbx_num_res 
_struct_site_gen.label_comp_id 
_struct_site_gen.label_asym_id 
_struct_site_gen.label_seq_id 
_struct_site_gen.pdbx_auth_ins_code 
_struct_site_gen.auth_comp_id 
_struct_site_gen.auth_asym_id 
_struct_site_gen.auth_seq_id 
_struct_site_gen.label_atom_id 
_struct_site_gen.label_alt_id 
_struct_site_gen.symmetry 
_struct_site_gen.details 
1  AC1 10 LEU A 1 ? LEU A 255  . ? 1_555 ? 
2  AC1 10 LEU A 1 ? LEU A 255  . ? 1_655 ? 
3  AC1 10 ASN A 3 ? ASN A 257  . ? 1_555 ? 
4  AC1 10 HOH G . ? HOH A 2001 . ? 1_455 ? 
5  AC1 10 HOH G . ? HOH A 2001 . ? 1_555 ? 
6  AC1 10 HOH G . ? HOH A 2002 . ? 1_655 ? 
7  AC1 10 HOH G . ? HOH A 2002 . ? 1_555 ? 
8  AC1 10 LEU C 1 ? LEU C 255  . ? 1_554 ? 
9  AC1 10 LEU C 1 ? LEU C 255  . ? 1_454 ? 
10 AC1 10 ASN C 3 ? ASN C 257  . ? 1_454 ? 
11 AC2 10 LEU B 1 ? LEU B 255  . ? 1_455 ? 
12 AC2 10 LEU B 1 ? LEU B 255  . ? 1_555 ? 
13 AC2 10 ASN B 3 ? ASN B 257  . ? 1_555 ? 
14 AC2 10 HOH H . ? HOH B 2001 . ? 1_455 ? 
15 AC2 10 HOH H . ? HOH B 2001 . ? 1_555 ? 
16 AC2 10 HOH H . ? HOH B 2002 . ? 1_555 ? 
17 AC2 10 HOH H . ? HOH B 2002 . ? 1_455 ? 
18 AC2 10 LEU D 1 ? LEU M 255  . ? 1_455 ? 
19 AC2 10 LEU D 1 ? LEU M 255  . ? 1_555 ? 
20 AC2 10 ASN D 3 ? ASN M 257  . ? 1_555 ? 
# 
loop_
_pdbx_validate_symm_contact.id 
_pdbx_validate_symm_contact.PDB_model_num 
_pdbx_validate_symm_contact.auth_atom_id_1 
_pdbx_validate_symm_contact.auth_asym_id_1 
_pdbx_validate_symm_contact.auth_comp_id_1 
_pdbx_validate_symm_contact.auth_seq_id_1 
_pdbx_validate_symm_contact.PDB_ins_code_1 
_pdbx_validate_symm_contact.label_alt_id_1 
_pdbx_validate_symm_contact.site_symmetry_1 
_pdbx_validate_symm_contact.auth_atom_id_2 
_pdbx_validate_symm_contact.auth_asym_id_2 
_pdbx_validate_symm_contact.auth_comp_id_2 
_pdbx_validate_symm_contact.auth_seq_id_2 
_pdbx_validate_symm_contact.PDB_ins_code_2 
_pdbx_validate_symm_contact.label_alt_id_2 
_pdbx_validate_symm_contact.site_symmetry_2 
_pdbx_validate_symm_contact.dist 
1 1 O A HOH 2003 ? ? 1_555 O C HOH 2001 ? ? 1_464 1.95 
2 1 O B HOH 2003 ? ? 1_555 O M HOH 2001 ? ? 1_545 2.17 
# 
loop_
_chem_comp_atom.comp_id 
_chem_comp_atom.atom_id 
_chem_comp_atom.type_symbol 
_chem_comp_atom.pdbx_aromatic_flag 
_chem_comp_atom.pdbx_stereo_config 
_chem_comp_atom.pdbx_ordinal 
ASN N    N N N 1  
ASN CA   C N S 2  
ASN C    C N N 3  
ASN O    O N N 4  
ASN CB   C N N 5  
ASN CG   C N N 6  
ASN OD1  O N N 7  
ASN ND2  N N N 8  
ASN OXT  O N N 9  
ASN H    H N N 10 
ASN H2   H N N 11 
ASN HA   H N N 12 
ASN HB2  H N N 13 
ASN HB3  H N N 14 
ASN HD21 H N N 15 
ASN HD22 H N N 16 
ASN HXT  H N N 17 
GLY N    N N N 18 
GLY CA   C N N 19 
GLY C    C N N 20 
GLY O    O N N 21 
GLY OXT  O N N 22 
GLY H    H N N 23 
GLY H2   H N N 24 
GLY HA2  H N N 25 
GLY HA3  H N N 26 
GLY HXT  H N N 27 
HOH O    O N N 28 
HOH H1   H N N 29 
HOH H2   H N N 30 
LEU N    N N N 31 
LEU CA   C N S 32 
LEU C    C N N 33 
LEU O    O N N 34 
LEU CB   C N N 35 
LEU CG   C N N 36 
LEU CD1  C N N 37 
LEU CD2  C N N 38 
LEU OXT  O N N 39 
LEU H    H N N 40 
LEU H2   H N N 41 
LEU HA   H N N 42 
LEU HB2  H N N 43 
LEU HB3  H N N 44 
LEU HG   H N N 45 
LEU HD11 H N N 46 
LEU HD12 H N N 47 
LEU HD13 H N N 48 
LEU HD21 H N N 49 
LEU HD22 H N N 50 
LEU HD23 H N N 51 
LEU HXT  H N N 52 
SO4 S    S N N 53 
SO4 O1   O N N 54 
SO4 O2   O N N 55 
SO4 O3   O N N 56 
SO4 O4   O N N 57 
TYR N    N N N 58 
TYR CA   C N S 59 
TYR C    C N N 60 
TYR O    O N N 61 
TYR CB   C N N 62 
TYR CG   C Y N 63 
TYR CD1  C Y N 64 
TYR CD2  C Y N 65 
TYR CE1  C Y N 66 
TYR CE2  C Y N 67 
TYR CZ   C Y N 68 
TYR OH   O N N 69 
TYR OXT  O N N 70 
TYR H    H N N 71 
TYR H2   H N N 72 
TYR HA   H N N 73 
TYR HB2  H N N 74 
TYR HB3  H N N 75 
TYR HD1  H N N 76 
TYR HD2  H N N 77 
TYR HE1  H N N 78 
TYR HE2  H N N 79 
TYR HH   H N N 80 
TYR HXT  H N N 81 
# 
loop_
_chem_comp_bond.comp_id 
_chem_comp_bond.atom_id_1 
_chem_comp_bond.atom_id_2 
_chem_comp_bond.value_order 
_chem_comp_bond.pdbx_aromatic_flag 
_chem_comp_bond.pdbx_stereo_config 
_chem_comp_bond.pdbx_ordinal 
ASN N   CA   sing N N 1  
ASN N   H    sing N N 2  
ASN N   H2   sing N N 3  
ASN CA  C    sing N N 4  
ASN CA  CB   sing N N 5  
ASN CA  HA   sing N N 6  
ASN C   O    doub N N 7  
ASN C   OXT  sing N N 8  
ASN CB  CG   sing N N 9  
ASN CB  HB2  sing N N 10 
ASN CB  HB3  sing N N 11 
ASN CG  OD1  doub N N 12 
ASN CG  ND2  sing N N 13 
ASN ND2 HD21 sing N N 14 
ASN ND2 HD22 sing N N 15 
ASN OXT HXT  sing N N 16 
GLY N   CA   sing N N 17 
GLY N   H    sing N N 18 
GLY N   H2   sing N N 19 
GLY CA  C    sing N N 20 
GLY CA  HA2  sing N N 21 
GLY CA  HA3  sing N N 22 
GLY C   O    doub N N 23 
GLY C   OXT  sing N N 24 
GLY OXT HXT  sing N N 25 
HOH O   H1   sing N N 26 
HOH O   H2   sing N N 27 
LEU N   CA   sing N N 28 
LEU N   H    sing N N 29 
LEU N   H2   sing N N 30 
LEU CA  C    sing N N 31 
LEU CA  CB   sing N N 32 
LEU CA  HA   sing N N 33 
LEU C   O    doub N N 34 
LEU C   OXT  sing N N 35 
LEU CB  CG   sing N N 36 
LEU CB  HB2  sing N N 37 
LEU CB  HB3  sing N N 38 
LEU CG  CD1  sing N N 39 
LEU CG  CD2  sing N N 40 
LEU CG  HG   sing N N 41 
LEU CD1 HD11 sing N N 42 
LEU CD1 HD12 sing N N 43 
LEU CD1 HD13 sing N N 44 
LEU CD2 HD21 sing N N 45 
LEU CD2 HD22 sing N N 46 
LEU CD2 HD23 sing N N 47 
LEU OXT HXT  sing N N 48 
SO4 S   O1   doub N N 49 
SO4 S   O2   doub N N 50 
SO4 S   O3   sing N N 51 
SO4 S   O4   sing N N 52 
TYR N   CA   sing N N 53 
TYR N   H    sing N N 54 
TYR N   H2   sing N N 55 
TYR CA  C    sing N N 56 
TYR CA  CB   sing N N 57 
TYR CA  HA   sing N N 58 
TYR C   O    doub N N 59 
TYR C   OXT  sing N N 60 
TYR CB  CG   sing N N 61 
TYR CB  HB2  sing N N 62 
TYR CB  HB3  sing N N 63 
TYR CG  CD1  doub Y N 64 
TYR CG  CD2  sing Y N 65 
TYR CD1 CE1  sing Y N 66 
TYR CD1 HD1  sing N N 67 
TYR CD2 CE2  doub Y N 68 
TYR CD2 HD2  sing N N 69 
TYR CE1 CZ   doub Y N 70 
TYR CE1 HE1  sing N N 71 
TYR CE2 CZ   sing Y N 72 
TYR CE2 HE2  sing N N 73 
TYR CZ  OH   sing N N 74 
TYR OH  HH   sing N N 75 
TYR OXT HXT  sing N N 76 
# 
_pdbx_audit_support.funding_organization   'French National Research Agency' 
_pdbx_audit_support.country                France 
_pdbx_audit_support.grant_number           ANR-15-CE18-0005-02 
_pdbx_audit_support.ordinal                1 
# 
_atom_sites.entry_id                    5N9H 
_atom_sites.fract_transf_matrix[1][1]   -0.20809508 
_atom_sites.fract_transf_matrix[1][2]   0.01944245 
_atom_sites.fract_transf_matrix[1][3]   -0.00346027 
_atom_sites.fract_transf_matrix[2][1]   -0.00472738 
_atom_sites.fract_transf_matrix[2][2]   -0.03648255 
_atom_sites.fract_transf_matrix[2][3]   0.07840898 
_atom_sites.fract_transf_matrix[3][1]   0.00163789 
_atom_sites.fract_transf_matrix[3][2]   0.01917612 
_atom_sites.fract_transf_matrix[3][3]   0.00902518 
_atom_sites.fract_transf_vector[1]      0.222064 
_atom_sites.fract_transf_vector[2]      0.630747 
_atom_sites.fract_transf_vector[3]      0.305630 
# 
loop_
_atom_type.symbol 
C 
H 
N 
O 
S 
# 
loop_
_atom_site.group_PDB 
_atom_site.id 
_atom_site.type_symbol 
_atom_site.label_atom_id 
_atom_site.label_alt_id 
_atom_site.label_comp_id 
_atom_site.label_asym_id 
_atom_site.label_entity_id 
_atom_site.label_seq_id 
_atom_site.pdbx_PDB_ins_code 
_atom_site.Cartn_x 
_atom_site.Cartn_y 
_atom_site.Cartn_z 
_atom_site.occupancy 
_atom_site.B_iso_or_equiv 
_atom_site.pdbx_formal_charge 
_atom_site.auth_seq_id 
_atom_site.auth_comp_id 
_atom_site.auth_asym_id 
_atom_site.auth_atom_id 
_atom_site.pdbx_PDB_model_num 
ATOM   1   N N    . LEU A 1 1 ? 3.412  -18.016 -11.463 1.00 2.74  ? 255  LEU A N    1 
ATOM   2   C CA   . LEU A 1 1 ? 3.758  -16.712 -12.065 1.00 2.36  ? 255  LEU A CA   1 
ATOM   3   C C    . LEU A 1 1 ? 3.116  -15.601 -11.223 1.00 2.17  ? 255  LEU A C    1 
ATOM   4   O O    . LEU A 1 1 ? 1.896  -15.417 -11.242 1.00 2.34  ? 255  LEU A O    1 
ATOM   5   C CB   . LEU A 1 1 ? 3.327  -16.659 -13.545 1.00 2.93  ? 255  LEU A CB   1 
ATOM   6   C CG   . LEU A 1 1 ? 4.001  -15.580 -14.405 1.00 3.33  ? 255  LEU A CG   1 
ATOM   7   C CD1  . LEU A 1 1 ? 3.643  -15.797 -15.864 1.00 5.96  ? 255  LEU A CD1  1 
ATOM   8   C CD2  . LEU A 1 1 ? 3.626  -14.179 -14.011 1.00 4.97  ? 255  LEU A CD2  1 
ATOM   9   H HA   . LEU A 1 1 ? 4.731  -16.594 -12.030 1.00 2.84  ? 255  LEU A HA   1 
ATOM   10  H HB2  . LEU A 1 1 ? 3.525  -17.518 -13.952 1.00 3.51  ? 255  LEU A HB2  1 
ATOM   11  H HB3  . LEU A 1 1 ? 2.371  -16.499 -13.579 1.00 3.51  ? 255  LEU A HB3  1 
ATOM   12  H HG   . LEU A 1 1 ? 4.963  -15.667 -14.319 1.00 3.99  ? 255  LEU A HG   1 
ATOM   13  H HD11 . LEU A 1 1 ? 2.690  -15.739 -15.963 1.00 7.15  ? 255  LEU A HD11 1 
ATOM   14  H HD12 . LEU A 1 1 ? 4.068  -15.117 -16.393 1.00 7.15  ? 255  LEU A HD12 1 
ATOM   15  H HD13 . LEU A 1 1 ? 3.950  -16.664 -16.135 1.00 7.15  ? 255  LEU A HD13 1 
ATOM   16  H HD21 . LEU A 1 1 ? 3.888  -14.031 -13.098 1.00 5.96  ? 255  LEU A HD21 1 
ATOM   17  H HD22 . LEU A 1 1 ? 4.082  -13.560 -14.586 1.00 5.96  ? 255  LEU A HD22 1 
ATOM   18  H HD23 . LEU A 1 1 ? 2.676  -14.072 -14.100 1.00 5.96  ? 255  LEU A HD23 1 
ATOM   19  N N    . GLY A 1 2 ? 3.936  -14.901 -10.445 1.00 1.90  ? 256  GLY A N    1 
ATOM   20  C CA   . GLY A 1 2 ? 3.440  -13.829 -9.613  1.00 2.03  ? 256  GLY A CA   1 
ATOM   21  C C    . GLY A 1 2 ? 2.483  -14.230 -8.505  1.00 1.60  ? 256  GLY A C    1 
ATOM   22  O O    . GLY A 1 2 ? 1.669  -13.408 -8.044  1.00 2.26  ? 256  GLY A O    1 
ATOM   23  H H    . GLY A 1 2 ? 4.783  -15.032 -10.385 1.00 2.28  ? 256  GLY A H    1 
ATOM   24  H HA2  . GLY A 1 2 ? 4.196  -13.382 -9.201  1.00 2.44  ? 256  GLY A HA2  1 
ATOM   25  H HA3  . GLY A 1 2 ? 2.985  -13.185 -10.176 1.00 2.44  ? 256  GLY A HA3  1 
ATOM   26  N N    . ASN A 1 3 ? 2.570  -15.475 -8.032  1.00 1.09  ? 257  ASN A N    1 
ATOM   27  C CA   . ASN A 1 3 ? 1.725  -15.913 -6.925  1.00 1.80  ? 257  ASN A CA   1 
ATOM   28  C C    . ASN A 1 3 ? 2.482  -15.730 -5.602  1.00 1.44  ? 257  ASN A C    1 
ATOM   29  O O    . ASN A 1 3 ? 3.719  -15.844 -5.568  1.00 2.01  ? 257  ASN A O    1 
ATOM   30  C CB   . ASN A 1 3 ? 1.375  -17.388 -7.049  1.00 1.65  ? 257  ASN A CB   1 
ATOM   31  C CG   . ASN A 1 3 ? 0.689  -17.743 -8.378  1.00 1.37  ? 257  ASN A CG   1 
ATOM   32  O OD1  . ASN A 1 3 ? -0.290 -17.131 -8.802  1.00 1.97  ? 257  ASN A OD1  1 
ATOM   33  N ND2  . ASN A 1 3 ? 1.183  -18.817 -9.000  1.00 2.56  ? 257  ASN A ND2  1 
ATOM   34  H H    . ASN A 1 3 ? 3.105  -16.078 -8.331  1.00 1.30  ? 257  ASN A H    1 
ATOM   35  H HA   . ASN A 1 3 ? 0.899  -15.386 -6.899  1.00 2.16  ? 257  ASN A HA   1 
ATOM   36  H HB2  . ASN A 1 3 ? 2.190  -17.910 -6.986  1.00 1.97  ? 257  ASN A HB2  1 
ATOM   37  H HB3  . ASN A 1 3 ? 0.772  -17.629 -6.328  1.00 1.97  ? 257  ASN A HB3  1 
ATOM   38  H HD21 . ASN A 1 3 ? 1.839  -19.252 -8.653  1.00 3.07  ? 257  ASN A HD21 1 
ATOM   39  H HD22 . ASN A 1 3 ? 0.847  -19.073 -9.750  1.00 3.07  ? 257  ASN A HD22 1 
ATOM   40  N N    . TYR A 1 4 ? 1.751  -15.460 -4.520  1.00 1.36  ? 258  TYR A N    1 
ATOM   41  C CA   . TYR A 1 4 ? 2.413  -15.356 -3.212  1.00 2.04  ? 258  TYR A CA   1 
ATOM   42  C C    . TYR A 1 4 ? 1.489  -15.727 -2.073  1.00 2.18  ? 258  TYR A C    1 
ATOM   43  O O    . TYR A 1 4 ? 0.351  -16.153 -2.274  1.00 2.47  ? 258  TYR A O    1 
ATOM   44  C CB   . TYR A 1 4 ? 3.055  -13.976 -2.987  1.00 1.46  ? 258  TYR A CB   1 
ATOM   45  C CG   . TYR A 1 4 ? 2.082  -12.829 -2.792  1.00 1.43  ? 258  TYR A CG   1 
ATOM   46  C CD1  . TYR A 1 4 ? 1.578  -12.103 -3.879  1.00 1.68  ? 258  TYR A CD1  1 
ATOM   47  C CD2  . TYR A 1 4 ? 1.685  -12.447 -1.510  1.00 1.95  ? 258  TYR A CD2  1 
ATOM   48  C CE1  . TYR A 1 4 ? 0.705  -11.059 -3.695  1.00 1.84  ? 258  TYR A CE1  1 
ATOM   49  C CE2  . TYR A 1 4 ? 0.804  -11.395 -1.315  1.00 1.62  ? 258  TYR A CE2  1 
ATOM   50  C CZ   . TYR A 1 4 ? 0.305  -10.710 -2.403  1.00 1.54  ? 258  TYR A CZ   1 
ATOM   51  O OH   . TYR A 1 4 ? -0.572 -9.653  -2.254  1.00 1.84  ? 258  TYR A OH   1 
ATOM   52  O OXT  . TYR A 1 4 ? 2.008  -15.582 -0.918  1.00 2.12  ? 258  TYR A OXT  1 
ATOM   53  H H    . TYR A 1 4 ? 0.900  -15.337 -4.510  1.00 1.64  ? 258  TYR A H    1 
ATOM   54  H HA   . TYR A 1 4 ? 3.145  -16.008 -3.200  1.00 2.44  ? 258  TYR A HA   1 
ATOM   55  H HB2  . TYR A 1 4 ? 3.611  -14.023 -2.194  1.00 1.75  ? 258  TYR A HB2  1 
ATOM   56  H HB3  . TYR A 1 4 ? 3.604  -13.764 -3.757  1.00 1.75  ? 258  TYR A HB3  1 
ATOM   57  H HD1  . TYR A 1 4 ? 1.833  -12.339 -4.742  1.00 2.02  ? 258  TYR A HD1  1 
ATOM   58  H HD2  . TYR A 1 4 ? 2.010  -12.912 -0.774  1.00 2.34  ? 258  TYR A HD2  1 
ATOM   59  H HE1  . TYR A 1 4 ? 0.371  -10.595 -4.428  1.00 2.20  ? 258  TYR A HE1  1 
ATOM   60  H HE2  . TYR A 1 4 ? 0.541  -11.160 -0.455  1.00 1.94  ? 258  TYR A HE2  1 
ATOM   61  H HH   . TYR A 1 4 ? -0.222 -9.059  -1.810  1.00 2.21  ? 258  TYR A HH   1 
ATOM   62  N N    . LEU B 1 1 ? -2.433 1.376   3.797   1.00 2.28  ? 255  LEU B N    1 
ATOM   63  C CA   . LEU B 1 1 ? -2.640 1.783   5.194   1.00 2.40  ? 255  LEU B CA   1 
ATOM   64  C C    . LEU B 1 1 ? -1.798 3.040   5.448   1.00 2.18  ? 255  LEU B C    1 
ATOM   65  O O    . LEU B 1 1 ? -0.569 2.977   5.518   1.00 2.40  ? 255  LEU B O    1 
ATOM   66  C CB   . LEU B 1 1 ? -2.270 0.629   6.148   1.00 2.66  ? 255  LEU B CB   1 
ATOM   67  C CG   . LEU B 1 1 ? -2.850 0.727   7.571   1.00 3.18  ? 255  LEU B CG   1 
ATOM   68  C CD1  . LEU B 1 1 ? -2.589 -0.573  8.335   1.00 6.14  ? 255  LEU B CD1  1 
ATOM   69  C CD2  . LEU B 1 1 ? -2.266 1.878   8.344   1.00 4.49  ? 255  LEU B CD2  1 
ATOM   70  H HA   . LEU B 1 1 ? -3.583 2.009   5.332   1.00 2.88  ? 255  LEU B HA   1 
ATOM   71  H HB2  . LEU B 1 1 ? -2.590 -0.201  5.761   1.00 3.20  ? 255  LEU B HB2  1 
ATOM   72  H HB3  . LEU B 1 1 ? -1.304 0.598   6.229   1.00 3.20  ? 255  LEU B HB3  1 
ATOM   73  H HG   . LEU B 1 1 ? -3.809 0.857   7.515   1.00 3.82  ? 255  LEU B HG   1 
ATOM   74  H HD11 . LEU B 1 1 ? -1.642 -0.722  8.385   1.00 7.37  ? 255  LEU B HD11 1 
ATOM   75  H HD12 . LEU B 1 1 ? -2.955 -0.496  9.218   1.00 7.37  ? 255  LEU B HD12 1 
ATOM   76  H HD13 . LEU B 1 1 ? -3.011 -1.299  7.868   1.00 7.37  ? 255  LEU B HD13 1 
ATOM   77  H HD21 . LEU B 1 1 ? -2.462 2.696   7.882   1.00 5.38  ? 255  LEU B HD21 1 
ATOM   78  H HD22 . LEU B 1 1 ? -2.658 1.894   9.221   1.00 5.38  ? 255  LEU B HD22 1 
ATOM   79  H HD23 . LEU B 1 1 ? -1.316 1.758   8.412   1.00 5.38  ? 255  LEU B HD23 1 
ATOM   80  N N    . GLY B 1 2 ? -2.457 4.195   5.552   1.00 1.91  ? 256  GLY B N    1 
ATOM   81  C CA   . GLY B 1 2 ? -1.747 5.432   5.811   1.00 2.07  ? 256  GLY B CA   1 
ATOM   82  C C    . GLY B 1 2 ? -0.794 5.890   4.725   1.00 1.29  ? 256  GLY B C    1 
ATOM   83  O O    . GLY B 1 2 ? 0.136  6.653   5.010   1.00 1.95  ? 256  GLY B O    1 
ATOM   84  H H    . GLY B 1 2 ? -3.308 4.281   5.476   1.00 2.29  ? 256  GLY B H    1 
ATOM   85  H HA2  . GLY B 1 2 ? -2.396 6.139   5.951   1.00 2.48  ? 256  GLY B HA2  1 
ATOM   86  H HA3  . GLY B 1 2 ? -1.237 5.333   6.630   1.00 2.48  ? 256  GLY B HA3  1 
ATOM   87  N N    . ASN B 1 3 ? -1.017 5.485   3.472   1.00 1.23  ? 257  ASN B N    1 
ATOM   88  C CA   . ASN B 1 3 ? -0.182 5.952   2.367   1.00 1.70  ? 257  ASN B CA   1 
ATOM   89  C C    . ASN B 1 3 ? -0.805 7.186   1.714   1.00 1.26  ? 257  ASN B C    1 
ATOM   90  O O    . ASN B 1 3 ? -2.028 7.308   1.673   1.00 1.89  ? 257  ASN B O    1 
ATOM   91  C CB   . ASN B 1 3 ? -0.035 4.884   1.290   1.00 1.76  ? 257  ASN B CB   1 
ATOM   92  C CG   . ASN B 1 3 ? 0.487  3.548   1.822   1.00 1.50  ? 257  ASN B CG   1 
ATOM   93  O OD1  . ASN B 1 3 ? 1.513  3.471   2.518   1.00 2.09  ? 257  ASN B OD1  1 
ATOM   94  N ND2  . ASN B 1 3 ? -0.208 2.460   1.439   1.00 2.60  ? 257  ASN B ND2  1 
ATOM   95  H H    . ASN B 1 3 ? -1.644 4.946   3.237   1.00 1.48  ? 257  ASN B H    1 
ATOM   96  H HA   . ASN B 1 3 ? 0.709  6.187   2.702   1.00 2.04  ? 257  ASN B HA   1 
ATOM   97  H HB2  . ASN B 1 3 ? -0.903 4.725   0.887   1.00 2.11  ? 257  ASN B HB2  1 
ATOM   98  H HB3  . ASN B 1 3 ? 0.588  5.201   0.618   1.00 2.11  ? 257  ASN B HB3  1 
ATOM   99  H HD21 . ASN B 1 3 ? -0.894 2.547   0.927   1.00 3.12  ? 257  ASN B HD21 1 
ATOM   100 H HD22 . ASN B 1 3 ? 0.035  1.679   1.704   1.00 3.12  ? 257  ASN B HD22 1 
ATOM   101 N N    . TYR B 1 4 ? 0.018  8.075   1.180   1.00 1.26  ? 258  TYR B N    1 
ATOM   102 C CA   . TYR B 1 4 ? -0.541 9.227   0.479   1.00 1.79  ? 258  TYR B CA   1 
ATOM   103 C C    . TYR B 1 4 ? 0.403  9.743   -0.588  1.00 1.93  ? 258  TYR B C    1 
ATOM   104 O O    . TYR B 1 4 ? 1.456  9.170   -0.891  1.00 2.41  ? 258  TYR B O    1 
ATOM   105 C CB   . TYR B 1 4 ? -0.967 10.358  1.433   1.00 1.43  ? 258  TYR B CB   1 
ATOM   106 C CG   . TYR B 1 4 ? 0.160  11.102  2.120   1.00 1.63  ? 258  TYR B CG   1 
ATOM   107 C CD1  . TYR B 1 4 ? 0.692  10.641  3.324   1.00 2.02  ? 258  TYR B CD1  1 
ATOM   108 C CD2  . TYR B 1 4 ? 0.683  12.269  1.572   1.00 1.74  ? 258  TYR B CD2  1 
ATOM   109 C CE1  . TYR B 1 4 ? 1.715  11.321  3.956   1.00 1.94  ? 258  TYR B CE1  1 
ATOM   110 C CE2  . TYR B 1 4 ? 1.719  12.950  2.186   1.00 1.54  ? 258  TYR B CE2  1 
ATOM   111 C CZ   . TYR B 1 4 ? 2.235  12.469  3.385   1.00 1.88  ? 258  TYR B CZ   1 
ATOM   112 O OH   . TYR B 1 4 ? 3.258  13.147  4.035   1.00 2.04  ? 258  TYR B OH   1 
ATOM   113 O OXT  . TYR B 1 4 ? -0.022 10.794  -1.189  1.00 2.04  ? 258  TYR B OXT  1 
ATOM   114 H H    . TYR B 1 4 ? 0.878  8.040   1.204   1.00 1.51  ? 258  TYR B H    1 
ATOM   115 H HA   . TYR B 1 4 ? -1.352 8.929   0.017   1.00 2.14  ? 258  TYR B HA   1 
ATOM   116 H HB2  . TYR B 1 4 ? -1.477 11.009  0.926   1.00 1.72  ? 258  TYR B HB2  1 
ATOM   117 H HB3  . TYR B 1 4 ? -1.529 9.978   2.126   1.00 1.72  ? 258  TYR B HB3  1 
ATOM   118 H HD1  . TYR B 1 4 ? 0.351  9.866   3.709   1.00 2.43  ? 258  TYR B HD1  1 
ATOM   119 H HD2  . TYR B 1 4 ? 0.344  12.586  0.767   1.00 2.09  ? 258  TYR B HD2  1 
ATOM   120 H HE1  . TYR B 1 4 ? 2.062  11.001  4.757   1.00 2.33  ? 258  TYR B HE1  1 
ATOM   121 H HE2  . TYR B 1 4 ? 2.059  13.728  1.807   1.00 1.84  ? 258  TYR B HE2  1 
ATOM   122 H HH   . TYR B 1 4 ? 3.915  12.661  4.108   1.00 2.44  ? 258  TYR B HH   1 
ATOM   123 N N    . LEU C 1 1 ? 1.856  19.990  6.329   1.00 2.20  ? 255  LEU C N    1 
ATOM   124 C CA   . LEU C 1 1 ? 1.943  18.639  6.930   1.00 2.47  ? 255  LEU C CA   1 
ATOM   125 C C    . LEU C 1 1 ? 1.135  17.661  6.064   1.00 2.41  ? 255  LEU C C    1 
ATOM   126 O O    . LEU C 1 1 ? -0.107 17.713  6.022   1.00 2.35  ? 255  LEU C O    1 
ATOM   127 C CB   . LEU C 1 1 ? 1.441  18.678  8.382   1.00 3.03  ? 255  LEU C CB   1 
ATOM   128 C CG   . LEU C 1 1 ? 1.865  17.498  9.279   1.00 3.19  ? 255  LEU C CG   1 
ATOM   129 C CD1  . LEU C 1 1 ? 1.502  17.764  10.750  1.00 6.90  ? 255  LEU C CD1  1 
ATOM   130 C CD2  . LEU C 1 1 ? 1.270  16.181  8.825   1.00 4.25  ? 255  LEU C CD2  1 
ATOM   131 H HA   . LEU C 1 1 ? 2.879  18.345  6.936   1.00 2.97  ? 255  LEU C HA   1 
ATOM   132 H HB2  . LEU C 1 1 ? 1.772  19.490  8.797   1.00 3.64  ? 255  LEU C HB2  1 
ATOM   133 H HB3  . LEU C 1 1 ? 0.472  18.696  8.369   1.00 3.64  ? 255  LEU C HB3  1 
ATOM   134 H HG   . LEU C 1 1 ? 2.830  17.410  9.231   1.00 3.83  ? 255  LEU C HG   1 
ATOM   135 H HD11 . LEU C 1 1 ? 0.551  17.884  10.819  1.00 8.29  ? 255  LEU C HD11 1 
ATOM   136 H HD12 . LEU C 1 1 ? 1.777  17.013  11.280  1.00 8.29  ? 255  LEU C HD12 1 
ATOM   137 H HD13 . LEU C 1 1 ? 1.954  18.558  11.044  1.00 8.29  ? 255  LEU C HD13 1 
ATOM   138 H HD21 . LEU C 1 1 ? 1.564  15.999  7.929   1.00 5.10  ? 255  LEU C HD21 1 
ATOM   139 H HD22 . LEU C 1 1 ? 1.565  15.485  9.416   1.00 5.10  ? 255  LEU C HD22 1 
ATOM   140 H HD23 . LEU C 1 1 ? 0.312  16.248  8.848   1.00 5.10  ? 255  LEU C HD23 1 
ATOM   141 N N    . GLY C 1 2 ? 1.845  16.822  5.307   1.00 1.99  ? 256  GLY C N    1 
ATOM   142 C CA   . GLY C 1 2 ? 1.174  15.852  4.467   1.00 2.20  ? 256  GLY C CA   1 
ATOM   143 C C    . GLY C 1 2 ? 0.349  16.429  3.314   1.00 1.63  ? 256  GLY C C    1 
ATOM   144 O O    . GLY C 1 2 ? -0.575 15.765  2.825   1.00 2.19  ? 256  GLY C O    1 
ATOM   145 H H    . GLY C 1 2 ? 2.704  16.800  5.267   1.00 2.38  ? 256  GLY C H    1 
ATOM   146 H HA2  . GLY C 1 2 ? 1.839  15.256  4.087   1.00 2.64  ? 256  GLY C HA2  1 
ATOM   147 H HA3  . GLY C 1 2 ? 0.579  15.320  5.019   1.00 2.64  ? 256  GLY C HA3  1 
ATOM   148 N N    . ASN C 1 3 ? 0.659  17.649  2.860   1.00 1.39  ? 257  ASN C N    1 
ATOM   149 C CA   . ASN C 1 3 ? -0.042 18.224  1.715   1.00 1.48  ? 257  ASN C CA   1 
ATOM   150 C C    . ASN C 1 3 ? 0.710  17.880  0.426   1.00 1.82  ? 257  ASN C C    1 
ATOM   151 O O    . ASN C 1 3 ? 1.953  17.757  0.440   1.00 1.92  ? 257  ASN C O    1 
ATOM   152 C CB   . ASN C 1 3 ? -0.119 19.750  1.816   1.00 2.23  ? 257  ASN C CB   1 
ATOM   153 C CG   . ASN C 1 3 ? -0.709 20.257  3.130   1.00 1.87  ? 257  ASN C CG   1 
ATOM   154 O OD1  . ASN C 1 3 ? -0.103 21.158  3.760   1.00 4.01  ? 257  ASN C OD1  1 
ATOM   155 N ND2  . ASN C 1 3 ? -1.844 19.779  3.529   1.00 0.80  ? 257  ASN C ND2  1 
ATOM   156 H H    . ASN C 1 3 ? 1.264  18.158  3.197   1.00 1.67  ? 257  ASN C H    1 
ATOM   157 H HA   . ASN C 1 3 ? -0.951 17.862  1.660   1.00 1.77  ? 257  ASN C HA   1 
ATOM   158 H HB2  . ASN C 1 3 ? 0.777  20.113  1.733   1.00 2.68  ? 257  ASN C HB2  1 
ATOM   159 H HB3  . ASN C 1 3 ? -0.675 20.082  1.094   1.00 2.68  ? 257  ASN C HB3  1 
ATOM   160 H HD21 . ASN C 1 3 ? -2.251 19.187  3.057   1.00 0.96  ? 257  ASN C HD21 1 
ATOM   161 H HD22 . ASN C 1 3 ? -2.190 20.053  4.267   1.00 0.96  ? 257  ASN C HD22 1 
ATOM   162 N N    . TYR C 1 4 ? -0.018 17.764  -0.688  1.00 1.68  ? 258  TYR C N    1 
ATOM   163 C CA   . TYR C 1 4 ? 0.669  17.528  -1.959  1.00 1.63  ? 258  TYR C CA   1 
ATOM   164 C C    . TYR C 1 4 ? -0.136 18.066  -3.128  1.00 1.92  ? 258  TYR C C    1 
ATOM   165 O O    . TYR C 1 4 ? -1.179 18.705  -2.988  1.00 2.34  ? 258  TYR C O    1 
ATOM   166 C CB   . TYR C 1 4 ? 1.041  16.055  -2.166  1.00 2.06  ? 258  TYR C CB   1 
ATOM   167 C CG   . TYR C 1 4 ? -0.115 15.101  -2.404  1.00 1.42  ? 258  TYR C CG   1 
ATOM   168 C CD1  . TYR C 1 4 ? -0.774 14.495  -1.345  1.00 1.76  ? 258  TYR C CD1  1 
ATOM   169 C CD2  . TYR C 1 4 ? -0.538 14.785  -3.704  1.00 1.25  ? 258  TYR C CD2  1 
ATOM   170 C CE1  . TYR C 1 4 ? -1.820 13.616  -1.557  1.00 1.54  ? 258  TYR C CE1  1 
ATOM   171 C CE2  . TYR C 1 4 ? -1.587 13.915  -3.932  1.00 1.83  ? 258  TYR C CE2  1 
ATOM   172 C CZ   . TYR C 1 4 ? -2.232 13.328  -2.867  1.00 1.50  ? 258  TYR C CZ   1 
ATOM   173 O OH   . TYR C 1 4 ? -3.277 12.460  -3.044  1.00 1.95  ? 258  TYR C OH   1 
ATOM   174 O OXT  . TYR C 1 4 ? 0.380  17.813  -4.270  1.00 2.32  ? 258  TYR C OXT  1 
ATOM   175 H H    . TYR C 1 4 ? -0.875 17.815  -0.734  1.00 2.02  ? 258  TYR C H    1 
ATOM   176 H HA   . TYR C 1 4 ? 1.511  18.031  -1.941  1.00 1.96  ? 258  TYR C HA   1 
ATOM   177 H HB2  . TYR C 1 4 ? 1.628  15.994  -2.936  1.00 2.47  ? 258  TYR C HB2  1 
ATOM   178 H HB3  . TYR C 1 4 ? 1.512  15.746  -1.376  1.00 2.47  ? 258  TYR C HB3  1 
ATOM   179 H HD1  . TYR C 1 4 ? -0.508 14.684  -0.474  1.00 2.11  ? 258  TYR C HD1  1 
ATOM   180 H HD2  . TYR C 1 4 ? -0.110 15.179  -4.430  1.00 1.50  ? 258  TYR C HD2  1 
ATOM   181 H HE1  . TYR C 1 4 ? -2.255 13.226  -0.834  1.00 1.85  ? 258  TYR C HE1  1 
ATOM   182 H HE2  . TYR C 1 4 ? -1.855 13.724  -4.803  1.00 2.20  ? 258  TYR C HE2  1 
ATOM   183 H HH   . TYR C 1 4 ? -3.949 12.752  -2.676  1.00 2.34  ? 258  TYR C HH   1 
ATOM   184 N N    . LEU D 1 1 ? -2.825 -3.356  1.355   1.00 2.41  ? 255  LEU M N    1 
ATOM   185 C CA   . LEU D 1 1 ? -3.057 -3.715  -0.067  1.00 2.33  ? 255  LEU M CA   1 
ATOM   186 C C    . LEU D 1 1 ? -2.459 -5.099  -0.308  1.00 2.52  ? 255  LEU M C    1 
ATOM   187 O O    . LEU D 1 1 ? -1.238 -5.267  -0.336  1.00 2.45  ? 255  LEU M O    1 
ATOM   188 C CB   . LEU D 1 1 ? -2.437 -2.650  -0.983  1.00 3.03  ? 255  LEU M CB   1 
ATOM   189 C CG   . LEU D 1 1 ? -2.975 -2.642  -2.431  1.00 2.93  ? 255  LEU M CG   1 
ATOM   190 C CD1  . LEU D 1 1 ? -2.465 -1.417  -3.180  1.00 6.10  ? 255  LEU M CD1  1 
ATOM   191 C CD2  . LEU D 1 1 ? -2.627 -3.906  -3.187  1.00 4.44  ? 255  LEU M CD2  1 
ATOM   192 H HA   . LEU D 1 1 ? -4.021 -3.756  -0.242  1.00 2.80  ? 255  LEU M HA   1 
ATOM   193 H HB2  . LEU D 1 1 ? -2.611 -1.776  -0.602  1.00 3.63  ? 255  LEU M HB2  1 
ATOM   194 H HB3  . LEU D 1 1 ? -1.480 -2.802  -1.028  1.00 3.63  ? 255  LEU M HB3  1 
ATOM   195 H HG   . LEU D 1 1 ? -3.943 -2.581  -2.398  1.00 3.52  ? 255  LEU M HG   1 
ATOM   196 H HD11 . LEU D 1 1 ? -1.505 -1.440  -3.199  1.00 7.32  ? 255  LEU M HD11 1 
ATOM   197 H HD12 . LEU D 1 1 ? -2.812 -1.432  -4.076  1.00 7.32  ? 255  LEU M HD12 1 
ATOM   198 H HD13 . LEU D 1 1 ? -2.765 -0.627  -2.726  1.00 7.32  ? 255  LEU M HD13 1 
ATOM   199 H HD21 . LEU D 1 1 ? -3.008 -4.659  -2.730  1.00 5.33  ? 255  LEU M HD21 1 
ATOM   200 H HD22 . LEU D 1 1 ? -2.984 -3.846  -4.076  1.00 5.33  ? 255  LEU M HD22 1 
ATOM   201 H HD23 . LEU D 1 1 ? -1.671 -3.995  -3.223  1.00 5.33  ? 255  LEU M HD23 1 
ATOM   202 N N    . GLY D 1 2 ? -3.323 -6.112  -0.412  1.00 1.83  ? 256  GLY M N    1 
ATOM   203 C CA   . GLY D 1 2 ? -2.846 -7.457  -0.657  1.00 2.32  ? 256  GLY M CA   1 
ATOM   204 C C    . GLY D 1 2 ? -2.043 -8.097  0.458   1.00 1.54  ? 256  GLY M C    1 
ATOM   205 O O    . GLY D 1 2 ? -1.257 -9.015  0.204   1.00 2.23  ? 256  GLY M O    1 
ATOM   206 H H    . GLY D 1 2 ? -4.179 -6.041  -0.345  1.00 2.19  ? 256  GLY M H    1 
ATOM   207 H HA2  . GLY D 1 2 ? -3.609 -8.029  -0.834  1.00 2.78  ? 256  GLY M HA2  1 
ATOM   208 H HA3  . GLY D 1 2 ? -2.290 -7.448  -1.451  1.00 2.78  ? 256  GLY M HA3  1 
ATOM   209 N N    . ASN D 1 3 ? -2.208 -7.640  1.701   1.00 1.43  ? 257  ASN M N    1 
ATOM   210 C CA   . ASN D 1 3 ? -1.520 -8.253  2.834   1.00 1.46  ? 257  ASN M CA   1 
ATOM   211 C C    . ASN D 1 3 ? -2.389 -9.345  3.440   1.00 1.20  ? 257  ASN M C    1 
ATOM   212 O O    . ASN D 1 3 ? -3.621 -9.247  3.420   1.00 2.10  ? 257  ASN M O    1 
ATOM   213 C CB   . ASN D 1 3 ? -1.228 -7.222  3.922   1.00 1.89  ? 257  ASN M CB   1 
ATOM   214 C CG   . ASN D 1 3 ? -0.481 -5.982  3.435   1.00 1.44  ? 257  ASN M CG   1 
ATOM   215 O OD1  . ASN D 1 3 ? -0.913 -4.847  3.772   1.00 3.66  ? 257  ASN M OD1  1 
ATOM   216 N ND2  . ASN D 1 3 ? 0.609  -6.135  2.754   1.00 0.69  ? 257  ASN M ND2  1 
ATOM   217 H H    . ASN D 1 3 ? -2.714 -6.977  1.913   1.00 1.72  ? 257  ASN M H    1 
ATOM   218 H HA   . ASN D 1 3 ? -0.674 -8.648  2.536   1.00 1.75  ? 257  ASN M HA   1 
ATOM   219 H HB2  . ASN D 1 3 ? -2.070 -6.928  4.304   1.00 2.26  ? 257  ASN M HB2  1 
ATOM   220 H HB3  . ASN D 1 3 ? -0.686 -7.641  4.609   1.00 2.26  ? 257  ASN M HB3  1 
ATOM   221 H HD21 . ASN D 1 3 ? 0.903  -6.925  2.584   1.00 0.83  ? 257  ASN M HD21 1 
ATOM   222 H HD22 . ASN D 1 3 ? 1.041  -5.446  2.473   1.00 0.83  ? 257  ASN M HD22 1 
ATOM   223 N N    . TYR D 1 4 ? -1.765 -10.375 4.021   1.00 1.62  ? 258  TYR M N    1 
ATOM   224 C CA   . TYR D 1 4 ? -2.548 -11.401 4.701   1.00 1.55  ? 258  TYR M CA   1 
ATOM   225 C C    . TYR D 1 4 ? -1.770 -12.072 5.815   1.00 1.60  ? 258  TYR M C    1 
ATOM   226 O O    . TYR D 1 4 ? -0.628 -11.715 6.132   1.00 2.45  ? 258  TYR M O    1 
ATOM   227 C CB   . TYR D 1 4 ? -3.131 -12.429 3.714   1.00 1.98  ? 258  TYR M CB   1 
ATOM   228 C CG   . TYR D 1 4 ? -2.128 -13.372 3.076   1.00 1.30  ? 258  TYR M CG   1 
ATOM   229 C CD1  . TYR D 1 4 ? -1.490 -13.033 1.880   1.00 1.85  ? 258  TYR M CD1  1 
ATOM   230 C CD2  . TYR D 1 4 ? -1.851 -14.626 3.636   1.00 1.90  ? 258  TYR M CD2  1 
ATOM   231 C CE1  . TYR D 1 4 ? -0.581 -13.889 1.282   1.00 1.13  ? 258  TYR M CE1  1 
ATOM   232 C CE2  . TYR D 1 4 ? -0.957 -15.494 3.040   1.00 1.62  ? 258  TYR M CE2  1 
ATOM   233 C CZ   . TYR D 1 4 ? -0.309 -15.128 1.876   1.00 1.75  ? 258  TYR M CZ   1 
ATOM   234 O OH   . TYR D 1 4 ? 0.583  -15.972 1.255   1.00 1.86  ? 258  TYR M OH   1 
ATOM   235 O OXT  . TYR D 1 4 ? -2.383 -13.021 6.372   1.00 1.88  ? 258  TYR M OXT  1 
ATOM   236 H H    . TYR D 1 4 ? -0.915 -10.497 4.035   1.00 1.95  ? 258  TYR M H    1 
ATOM   237 H HA   . TYR D 1 4 ? -3.313 -10.956 5.124   1.00 1.86  ? 258  TYR M HA   1 
ATOM   238 H HB2  . TYR D 1 4 ? -3.779 -12.974 4.187   1.00 2.37  ? 258  TYR M HB2  1 
ATOM   239 H HB3  . TYR D 1 4 ? -3.574 -11.949 2.998   1.00 2.37  ? 258  TYR M HB3  1 
ATOM   240 H HD1  . TYR D 1 4 ? -1.660 -12.207 1.491   1.00 2.22  ? 258  TYR M HD1  1 
ATOM   241 H HD2  . TYR D 1 4 ? -2.274 -14.878 4.426   1.00 2.28  ? 258  TYR M HD2  1 
ATOM   242 H HE1  . TYR D 1 4 ? -0.156 -13.645 0.492   1.00 1.36  ? 258  TYR M HE1  1 
ATOM   243 H HE2  . TYR D 1 4 ? -0.774 -16.318 3.433   1.00 1.95  ? 258  TYR M HE2  1 
ATOM   244 H HH   . TYR D 1 4 ? 1.322  -15.619 1.213   1.00 2.23  ? 258  TYR M HH   1 
HETATM 245 S S    A SO4 E 2 . ? 0.922  -20.143 -12.909 0.53 2.55  ? 301  SO4 A S    1 
HETATM 246 S S    B SO4 E 2 . ? 0.881  -20.346 -12.168 0.47 1.80  ? 301  SO4 A S    1 
HETATM 247 O O1   A SO4 E 2 . ? -0.118 -19.860 -13.908 0.53 3.75  ? 301  SO4 A O1   1 
HETATM 248 O O1   B SO4 E 2 . ? 2.159  -20.627 -11.505 0.47 2.10  ? 301  SO4 A O1   1 
HETATM 249 O O2   A SO4 E 2 . ? 0.676  -21.516 -12.422 0.53 2.96  ? 301  SO4 A O2   1 
HETATM 250 O O2   B SO4 E 2 . ? 0.660  -21.305 -13.265 0.47 2.32  ? 301  SO4 A O2   1 
HETATM 251 O O3   A SO4 E 2 . ? 0.817  -19.164 -11.816 0.53 2.81  ? 301  SO4 A O3   1 
HETATM 252 O O3   B SO4 E 2 . ? 0.911  -18.955 -12.673 0.47 2.56  ? 301  SO4 A O3   1 
HETATM 253 O O4   A SO4 E 2 . ? 2.265  -20.058 -13.517 0.53 3.19  ? 301  SO4 A O4   1 
HETATM 254 O O4   B SO4 E 2 . ? -0.184 -20.412 -11.167 0.47 2.46  ? 301  SO4 A O4   1 
HETATM 255 S S    A SO4 F 2 . ? -0.312 -0.988  2.300   0.50 1.73  ? 301  SO4 B S    1 
HETATM 256 S S    B SO4 F 2 . ? -0.360 -1.420  2.942   0.50 1.62  ? 301  SO4 B S    1 
HETATM 257 O O1   A SO4 F 2 . ? -1.568 -0.497  1.720   0.50 1.95  ? 301  SO4 B O1   1 
HETATM 258 O O1   B SO4 F 2 . ? 0.648  -2.155  3.705   0.50 3.19  ? 301  SO4 B O1   1 
HETATM 259 O O2   A SO4 F 2 . ? -0.306 -2.464  2.272   0.50 1.39  ? 301  SO4 B O2   1 
HETATM 260 O O2   B SO4 F 2 . ? -0.315 -1.938  1.556   0.50 2.33  ? 301  SO4 B O2   1 
HETATM 261 O O3   A SO4 F 2 . ? 0.808  -0.426  1.534   0.50 3.57  ? 301  SO4 B O3   1 
HETATM 262 O O3   B SO4 F 2 . ? -1.721 -1.650  3.475   0.50 2.44  ? 301  SO4 B O3   1 
HETATM 263 O O4   A SO4 F 2 . ? -0.212 -0.463  3.671   0.50 1.48  ? 301  SO4 B O4   1 
HETATM 264 O O4   B SO4 F 2 . ? -0.054 0.018   2.983   0.50 1.86  ? 301  SO4 B O4   1 
HETATM 265 O O    . HOH G 3 . ? -1.792 -20.675 -8.978  1.00 3.49  ? 2001 HOH A O    1 
HETATM 266 O O    . HOH G 3 . ? 3.229  -19.771 -16.168 1.00 3.29  ? 2002 HOH A O    1 
HETATM 267 O O    . HOH G 3 . ? 0.311  -21.570 -7.195  1.00 42.46 ? 2003 HOH A O    1 
HETATM 268 O O    . HOH H 3 . ? -2.261 1.344   -0.283  1.00 3.26  ? 2001 HOH B O    1 
HETATM 269 O O    . HOH H 3 . ? -2.794 -3.353  5.432   1.00 3.37  ? 2002 HOH B O    1 
HETATM 270 O O    . HOH H 3 . ? 0.067  2.115   -1.714  1.00 50.54 ? 2003 HOH B O    1 
HETATM 271 O O    . HOH I 3 . ? -0.300 24.232  2.239   1.00 12.75 ? 2001 HOH C O    1 
HETATM 272 O O    . HOH J 3 . ? -0.488 -4.127  7.061   1.00 13.51 ? 2001 HOH M O    1 
# 
loop_
_atom_site_anisotrop.id 
_atom_site_anisotrop.type_symbol 
_atom_site_anisotrop.pdbx_label_atom_id 
_atom_site_anisotrop.pdbx_label_alt_id 
_atom_site_anisotrop.pdbx_label_comp_id 
_atom_site_anisotrop.pdbx_label_asym_id 
_atom_site_anisotrop.pdbx_label_seq_id 
_atom_site_anisotrop.pdbx_PDB_ins_code 
_atom_site_anisotrop.U[1][1] 
_atom_site_anisotrop.U[2][2] 
_atom_site_anisotrop.U[3][3] 
_atom_site_anisotrop.U[1][2] 
_atom_site_anisotrop.U[1][3] 
_atom_site_anisotrop.U[2][3] 
_atom_site_anisotrop.pdbx_auth_seq_id 
_atom_site_anisotrop.pdbx_auth_comp_id 
_atom_site_anisotrop.pdbx_auth_asym_id 
_atom_site_anisotrop.pdbx_auth_atom_id 
1   N N    . LEU A 1 ? 0.0485 0.0270 0.0285 -0.0029 0.0073  -0.0029 255  LEU A N    
2   C CA   . LEU A 1 ? 0.0371 0.0300 0.0229 0.0030  -0.0078 -0.0063 255  LEU A CA   
3   C C    . LEU A 1 ? 0.0361 0.0253 0.0210 0.0010  -0.0075 -0.0059 255  LEU A C    
4   O O    . LEU A 1 ? 0.0264 0.0346 0.0278 0.0047  -0.0052 -0.0162 255  LEU A O    
5   C CB   . LEU A 1 ? 0.0529 0.0326 0.0257 0.0087  -0.0087 -0.0090 255  LEU A CB   
6   C CG   . LEU A 1 ? 0.0642 0.0330 0.0293 0.0001  -0.0108 -0.0043 255  LEU A CG   
7   C CD1  . LEU A 1 ? 0.1499 0.0377 0.0389 0.0045  -0.0019 -0.0001 255  LEU A CD1  
8   C CD2  . LEU A 1 ? 0.1002 0.0354 0.0532 -0.0122 -0.0026 -0.0123 255  LEU A CD2  
9   H HA   . LEU A 1 ? 0.0359 0.0359 0.0359 0.0000  0.0000  0.0000  255  LEU A HA   
10  H HB2  . LEU A 1 ? 0.0445 0.0445 0.0445 0.0000  0.0000  0.0000  255  LEU A HB2  
11  H HB3  . LEU A 1 ? 0.0445 0.0445 0.0445 0.0000  0.0000  0.0000  255  LEU A HB3  
12  H HG   . LEU A 1 ? 0.0506 0.0506 0.0506 0.0000  0.0000  0.0000  255  LEU A HG   
13  H HD11 . LEU A 1 ? 0.0906 0.0906 0.0906 0.0000  0.0000  0.0000  255  LEU A HD11 
14  H HD12 . LEU A 1 ? 0.0906 0.0906 0.0906 0.0000  0.0000  0.0000  255  LEU A HD12 
15  H HD13 . LEU A 1 ? 0.0906 0.0906 0.0906 0.0000  0.0000  0.0000  255  LEU A HD13 
16  H HD21 . LEU A 1 ? 0.0755 0.0755 0.0755 0.0000  0.0000  0.0000  255  LEU A HD21 
17  H HD22 . LEU A 1 ? 0.0755 0.0755 0.0755 0.0000  0.0000  0.0000  255  LEU A HD22 
18  H HD23 . LEU A 1 ? 0.0755 0.0755 0.0755 0.0000  0.0000  0.0000  255  LEU A HD23 
19  N N    . GLY A 2 ? 0.0252 0.0219 0.0251 -0.0039 0.0000  -0.0092 256  GLY A N    
20  C CA   . GLY A 2 ? 0.0335 0.0202 0.0235 -0.0073 0.0012  -0.0081 256  GLY A CA   
21  C C    . GLY A 2 ? 0.0225 0.0169 0.0215 -0.0048 0.0029  -0.0029 256  GLY A C    
22  O O    . GLY A 2 ? 0.0369 0.0199 0.0289 0.0061  0.0079  -0.0002 256  GLY A O    
23  H H    . GLY A 2 ? 0.0289 0.0289 0.0289 0.0000  0.0000  0.0000  256  GLY A H    
24  H HA2  . GLY A 2 ? 0.0309 0.0309 0.0309 0.0000  0.0000  0.0000  256  GLY A HA2  
25  H HA3  . GLY A 2 ? 0.0309 0.0309 0.0309 0.0000  0.0000  0.0000  256  GLY A HA3  
26  N N    . ASN A 3 ? 0.0102 0.0187 0.0125 -0.0030 0.0028  -0.0035 257  ASN A N    
27  C CA   . ASN A 3 ? 0.0284 0.0207 0.0191 -0.0032 -0.0086 -0.0046 257  ASN A CA   
28  C C    . ASN A 3 ? 0.0201 0.0175 0.0171 0.0005  -0.0006 -0.0001 257  ASN A C    
29  O O    . ASN A 3 ? 0.0289 0.0299 0.0178 0.0004  -0.0005 -0.0085 257  ASN A O    
30  C CB   . ASN A 3 ? 0.0226 0.0192 0.0207 -0.0063 0.0014  -0.0044 257  ASN A CB   
31  C CG   . ASN A 3 ? 0.0076 0.0235 0.0210 0.0002  -0.0015 -0.0071 257  ASN A CG   
32  O OD1  . ASN A 3 ? 0.0200 0.0265 0.0286 0.0030  0.0038  -0.0124 257  ASN A OD1  
33  N ND2  . ASN A 3 ? 0.0353 0.0333 0.0287 0.0028  -0.0054 -0.0143 257  ASN A ND2  
34  H H    . ASN A 3 ? 0.0165 0.0165 0.0165 0.0000  0.0000  0.0000  257  ASN A H    
35  H HA   . ASN A 3 ? 0.0273 0.0273 0.0273 0.0000  0.0000  0.0000  257  ASN A HA   
36  H HB2  . ASN A 3 ? 0.0250 0.0250 0.0250 0.0000  0.0000  0.0000  257  ASN A HB2  
37  H HB3  . ASN A 3 ? 0.0250 0.0250 0.0250 0.0000  0.0000  0.0000  257  ASN A HB3  
38  H HD21 . ASN A 3 ? 0.0389 0.0389 0.0389 0.0000  0.0000  0.0000  257  ASN A HD21 
39  H HD22 . ASN A 3 ? 0.0389 0.0389 0.0389 0.0000  0.0000  0.0000  257  ASN A HD22 
40  N N    . TYR A 4 ? 0.0164 0.0163 0.0191 0.0028  -0.0079 0.0043  258  TYR A N    
41  C CA   . TYR A 4 ? 0.0279 0.0234 0.0262 -0.0022 -0.0156 -0.0023 258  TYR A CA   
42  C C    . TYR A 4 ? 0.0282 0.0252 0.0294 -0.0107 0.0042  -0.0005 258  TYR A C    
43  O O    . TYR A 4 ? 0.0381 0.0366 0.0190 -0.0059 0.0014  0.0004  258  TYR A O    
44  C CB   . TYR A 4 ? 0.0162 0.0219 0.0173 -0.0020 0.0053  -0.0001 258  TYR A CB   
45  C CG   . TYR A 4 ? 0.0163 0.0184 0.0197 -0.0079 0.0053  0.0036  258  TYR A CG   
46  C CD1  . TYR A 4 ? 0.0163 0.0234 0.0242 -0.0080 0.0086  -0.0030 258  TYR A CD1  
47  C CD2  . TYR A 4 ? 0.0367 0.0217 0.0156 -0.0060 0.0005  0.0005  258  TYR A CD2  
48  C CE1  . TYR A 4 ? 0.0268 0.0225 0.0205 -0.0044 0.0013  -0.0014 258  TYR A CE1  
49  C CE2  . TYR A 4 ? 0.0249 0.0212 0.0153 -0.0084 0.0047  -0.0024 258  TYR A CE2  
50  C CZ   . TYR A 4 ? 0.0160 0.0187 0.0236 -0.0058 0.0051  -0.0034 258  TYR A CZ   
51  O OH   . TYR A 4 ? 0.0225 0.0207 0.0268 -0.0059 -0.0025 -0.0062 258  TYR A OH   
52  O OXT  . TYR A 4 ? 0.0296 0.0323 0.0186 -0.0057 -0.0039 -0.0037 258  TYR A OXT  
53  H H    . TYR A 4 ? 0.0207 0.0207 0.0207 0.0000  0.0000  0.0000  258  TYR A H    
54  H HA   . TYR A 4 ? 0.0309 0.0309 0.0309 0.0000  0.0000  0.0000  258  TYR A HA   
55  H HB2  . TYR A 4 ? 0.0222 0.0222 0.0222 0.0000  0.0000  0.0000  258  TYR A HB2  
56  H HB3  . TYR A 4 ? 0.0222 0.0222 0.0222 0.0000  0.0000  0.0000  258  TYR A HB3  
57  H HD1  . TYR A 4 ? 0.0256 0.0256 0.0256 0.0000  0.0000  0.0000  258  TYR A HD1  
58  H HD2  . TYR A 4 ? 0.0296 0.0296 0.0296 0.0000  0.0000  0.0000  258  TYR A HD2  
59  H HE1  . TYR A 4 ? 0.0279 0.0279 0.0279 0.0000  0.0000  0.0000  258  TYR A HE1  
60  H HE2  . TYR A 4 ? 0.0246 0.0246 0.0246 0.0000  0.0000  0.0000  258  TYR A HE2  
61  H HH   . TYR A 4 ? 0.0280 0.0280 0.0280 0.0000  0.0000  0.0000  258  TYR A HH   
62  N N    . LEU B 1 ? 0.0252 0.0350 0.0265 -0.0102 -0.0041 -0.0051 255  LEU B N    
63  C CA   . LEU B 1 ? 0.0291 0.0293 0.0327 -0.0055 -0.0011 -0.0022 255  LEU B CA   
64  C C    . LEU B 1 ? 0.0319 0.0251 0.0257 -0.0003 0.0055  -0.0014 255  LEU B C    
65  O O    . LEU B 1 ? 0.0283 0.0246 0.0384 -0.0018 -0.0008 0.0038  255  LEU B O    
66  C CB   . LEU B 1 ? 0.0457 0.0285 0.0270 -0.0091 -0.0051 0.0062  255  LEU B CB   
67  C CG   . LEU B 1 ? 0.0624 0.0421 0.0163 -0.0043 -0.0021 0.0029  255  LEU B CG   
68  C CD1  . LEU B 1 ? 0.1431 0.0478 0.0425 -0.0127 -0.0229 0.0025  255  LEU B CD1  
69  C CD2  . LEU B 1 ? 0.0952 0.0468 0.0284 -0.0118 0.0150  -0.0025 255  LEU B CD2  
70  H HA   . LEU B 1 ? 0.0365 0.0365 0.0365 0.0000  0.0000  0.0000  255  LEU B HA   
71  H HB2  . LEU B 1 ? 0.0405 0.0405 0.0405 0.0000  0.0000  0.0000  255  LEU B HB2  
72  H HB3  . LEU B 1 ? 0.0405 0.0405 0.0405 0.0000  0.0000  0.0000  255  LEU B HB3  
73  H HG   . LEU B 1 ? 0.0483 0.0483 0.0483 0.0000  0.0000  0.0000  255  LEU B HG   
74  H HD11 . LEU B 1 ? 0.0933 0.0933 0.0933 0.0000  0.0000  0.0000  255  LEU B HD11 
75  H HD12 . LEU B 1 ? 0.0933 0.0933 0.0933 0.0000  0.0000  0.0000  255  LEU B HD12 
76  H HD13 . LEU B 1 ? 0.0933 0.0933 0.0933 0.0000  0.0000  0.0000  255  LEU B HD13 
77  H HD21 . LEU B 1 ? 0.0682 0.0682 0.0682 0.0000  0.0000  0.0000  255  LEU B HD21 
78  H HD22 . LEU B 1 ? 0.0682 0.0682 0.0682 0.0000  0.0000  0.0000  255  LEU B HD22 
79  H HD23 . LEU B 1 ? 0.0682 0.0682 0.0682 0.0000  0.0000  0.0000  255  LEU B HD23 
80  N N    . GLY B 2 ? 0.0189 0.0243 0.0293 -0.0048 0.0002  -0.0054 256  GLY B N    
81  C CA   . GLY B 2 ? 0.0228 0.0239 0.0319 -0.0028 0.0045  -0.0093 256  GLY B CA   
82  C C    . GLY B 2 ? 0.0129 0.0173 0.0189 0.0005  0.0011  0.0001  256  GLY B C    
83  O O    . GLY B 2 ? 0.0231 0.0328 0.0183 -0.0154 0.0015  -0.0051 256  GLY B O    
84  H H    . GLY B 2 ? 0.0290 0.0290 0.0290 0.0000  0.0000  0.0000  256  GLY B H    
85  H HA2  . GLY B 2 ? 0.0315 0.0315 0.0315 0.0000  0.0000  0.0000  256  GLY B HA2  
86  H HA3  . GLY B 2 ? 0.0315 0.0315 0.0315 0.0000  0.0000  0.0000  256  GLY B HA3  
87  N N    . ASN B 3 ? 0.0167 0.0110 0.0189 -0.0063 -0.0046 0.0048  257  ASN B N    
88  C CA   . ASN B 3 ? 0.0152 0.0223 0.0273 -0.0087 -0.0053 -0.0035 257  ASN B CA   
89  C C    . ASN B 3 ? 0.0074 0.0225 0.0182 -0.0036 -0.0027 -0.0011 257  ASN B C    
90  O O    . ASN B 3 ? 0.0319 0.0238 0.0161 -0.0001 0.0026  0.0057  257  ASN B O    
91  C CB   . ASN B 3 ? 0.0156 0.0217 0.0294 -0.0024 0.0028  -0.0052 257  ASN B CB   
92  C CG   . ASN B 3 ? 0.0122 0.0208 0.0240 -0.0046 0.0068  -0.0063 257  ASN B CG   
93  O OD1  . ASN B 3 ? 0.0217 0.0169 0.0408 -0.0059 -0.0030 -0.0077 257  ASN B OD1  
94  N ND2  . ASN B 3 ? 0.0295 0.0271 0.0420 -0.0006 -0.0148 -0.0117 257  ASN B ND2  
95  H H    . ASN B 3 ? 0.0187 0.0187 0.0187 0.0000  0.0000  0.0000  257  ASN B H    
96  H HA   . ASN B 3 ? 0.0259 0.0259 0.0259 0.0000  0.0000  0.0000  257  ASN B HA   
97  H HB2  . ASN B 3 ? 0.0267 0.0267 0.0267 0.0000  0.0000  0.0000  257  ASN B HB2  
98  H HB3  . ASN B 3 ? 0.0267 0.0267 0.0267 0.0000  0.0000  0.0000  257  ASN B HB3  
99  H HD21 . ASN B 3 ? 0.0395 0.0395 0.0395 0.0000  0.0000  0.0000  257  ASN B HD21 
100 H HD22 . ASN B 3 ? 0.0395 0.0395 0.0395 0.0000  0.0000  0.0000  257  ASN B HD22 
101 N N    . TYR B 4 ? 0.0073 0.0229 0.0175 -0.0029 -0.0024 0.0021  258  TYR B N    
102 C CA   . TYR B 4 ? 0.0222 0.0214 0.0243 -0.0023 -0.0049 0.0019  258  TYR B CA   
103 C C    . TYR B 4 ? 0.0149 0.0224 0.0362 -0.0011 -0.0038 0.0012  258  TYR B C    
104 O O    . TYR B 4 ? 0.0282 0.0288 0.0344 -0.0032 0.0077  0.0039  258  TYR B O    
105 C CB   . TYR B 4 ? 0.0111 0.0236 0.0199 0.0033  -0.0019 -0.0025 258  TYR B CB   
106 C CG   . TYR B 4 ? 0.0116 0.0189 0.0313 0.0008  0.0010  -0.0042 258  TYR B CG   
107 C CD1  . TYR B 4 ? 0.0254 0.0180 0.0335 -0.0018 0.0165  -0.0052 258  TYR B CD1  
108 C CD2  . TYR B 4 ? 0.0295 0.0209 0.0159 -0.0013 -0.0017 -0.0027 258  TYR B CD2  
109 C CE1  . TYR B 4 ? 0.0224 0.0247 0.0268 -0.0037 0.0095  -0.0064 258  TYR B CE1  
110 C CE2  . TYR B 4 ? 0.0174 0.0206 0.0203 0.0034  -0.0013 -0.0037 258  TYR B CE2  
111 C CZ   . TYR B 4 ? 0.0200 0.0258 0.0258 -0.0003 0.0092  -0.0075 258  TYR B CZ   
112 O OH   . TYR B 4 ? 0.0166 0.0265 0.0343 0.0040  -0.0037 -0.0024 258  TYR B OH   
113 O OXT  . TYR B 4 ? 0.0298 0.0177 0.0299 0.0010  0.0059  0.0061  258  TYR B OXT  
114 H H    . TYR B 4 ? 0.0191 0.0191 0.0191 0.0000  0.0000  0.0000  258  TYR B H    
115 H HA   . TYR B 4 ? 0.0272 0.0272 0.0272 0.0000  0.0000  0.0000  258  TYR B HA   
116 H HB2  . TYR B 4 ? 0.0218 0.0218 0.0218 0.0000  0.0000  0.0000  258  TYR B HB2  
117 H HB3  . TYR B 4 ? 0.0218 0.0218 0.0218 0.0000  0.0000  0.0000  258  TYR B HB3  
118 H HD1  . TYR B 4 ? 0.0308 0.0308 0.0308 0.0000  0.0000  0.0000  258  TYR B HD1  
119 H HD2  . TYR B 4 ? 0.0265 0.0265 0.0265 0.0000  0.0000  0.0000  258  TYR B HD2  
120 H HE1  . TYR B 4 ? 0.0296 0.0296 0.0296 0.0000  0.0000  0.0000  258  TYR B HE1  
121 H HE2  . TYR B 4 ? 0.0234 0.0234 0.0234 0.0000  0.0000  0.0000  258  TYR B HE2  
122 H HH   . TYR B 4 ? 0.0310 0.0310 0.0310 0.0000  0.0000  0.0000  258  TYR B HH   
123 N N    . LEU C 1 ? 0.0255 0.0289 0.0294 -0.0027 0.0068  0.0004  255  LEU C N    
124 C CA   . LEU C 1 ? 0.0277 0.0376 0.0287 -0.0059 -0.0011 -0.0050 255  LEU C CA   
125 C C    . LEU C 1 ? 0.0341 0.0316 0.0260 0.0025  -0.0013 -0.0012 255  LEU C C    
126 O O    . LEU C 1 ? 0.0170 0.0434 0.0288 0.0072  -0.0076 -0.0119 255  LEU C O    
127 C CB   . LEU C 1 ? 0.0452 0.0393 0.0306 -0.0080 -0.0026 -0.0010 255  LEU C CB   
128 C CG   . LEU C 1 ? 0.0553 0.0389 0.0269 -0.0087 0.0059  0.0062  255  LEU C CG   
129 C CD1  . LEU C 1 ? 0.1688 0.0491 0.0444 -0.0260 -0.0076 0.0016  255  LEU C CD1  
130 C CD2  . LEU C 1 ? 0.0941 0.0378 0.0295 -0.0051 0.0109  0.0062  255  LEU C CD2  
131 H HA   . LEU C 1 ? 0.0376 0.0376 0.0376 0.0000  0.0000  0.0000  255  LEU C HA   
132 H HB2  . LEU C 1 ? 0.0461 0.0461 0.0461 0.0000  0.0000  0.0000  255  LEU C HB2  
133 H HB3  . LEU C 1 ? 0.0461 0.0461 0.0461 0.0000  0.0000  0.0000  255  LEU C HB3  
134 H HG   . LEU C 1 ? 0.0485 0.0485 0.0485 0.0000  0.0000  0.0000  255  LEU C HG   
135 H HD11 . LEU C 1 ? 0.1049 0.1049 0.1049 0.0000  0.0000  0.0000  255  LEU C HD11 
136 H HD12 . LEU C 1 ? 0.1049 0.1049 0.1049 0.0000  0.0000  0.0000  255  LEU C HD12 
137 H HD13 . LEU C 1 ? 0.1049 0.1049 0.1049 0.0000  0.0000  0.0000  255  LEU C HD13 
138 H HD21 . LEU C 1 ? 0.0646 0.0646 0.0646 0.0000  0.0000  0.0000  255  LEU C HD21 
139 H HD22 . LEU C 1 ? 0.0646 0.0646 0.0646 0.0000  0.0000  0.0000  255  LEU C HD22 
140 H HD23 . LEU C 1 ? 0.0646 0.0646 0.0646 0.0000  0.0000  0.0000  255  LEU C HD23 
141 N N    . GLY C 2 ? 0.0201 0.0268 0.0287 0.0020  0.0072  -0.0029 256  GLY C N    
142 C CA   . GLY C 2 ? 0.0385 0.0225 0.0225 0.0018  -0.0019 -0.0024 256  GLY C CA   
143 C C    . GLY C 2 ? 0.0136 0.0248 0.0237 -0.0035 0.0012  -0.0079 256  GLY C C    
144 O O    . GLY C 2 ? 0.0206 0.0243 0.0382 -0.0084 -0.0048 -0.0041 256  GLY C O    
145 H H    . GLY C 2 ? 0.0302 0.0302 0.0302 0.0000  0.0000  0.0000  256  GLY C H    
146 H HA2  . GLY C 2 ? 0.0334 0.0334 0.0334 0.0000  0.0000  0.0000  256  GLY C HA2  
147 H HA3  . GLY C 2 ? 0.0334 0.0334 0.0334 0.0000  0.0000  0.0000  256  GLY C HA3  
148 N N    . ASN C 3 ? 0.0128 0.0206 0.0195 -0.0049 -0.0057 -0.0050 257  ASN C N    
149 C CA   . ASN C 3 ? 0.0104 0.0193 0.0264 0.0019  -0.0037 -0.0076 257  ASN C CA   
150 C C    . ASN C 3 ? 0.0161 0.0209 0.0322 0.0019  -0.0102 -0.0029 257  ASN C C    
151 O O    . ASN C 3 ? 0.0254 0.0299 0.0178 0.0004  -0.0027 -0.0006 257  ASN C O    
152 C CB   . ASN C 3 ? 0.0298 0.0178 0.0372 0.0024  -0.0051 -0.0095 257  ASN C CB   
153 C CG   . ASN C 3 ? 0.0399 0.0112 0.0199 0.0011  -0.0016 0.0023  257  ASN C CG   
154 O OD1  . ASN C 3 ? 0.0576 0.0371 0.0576 -0.0199 0.0115  -0.0172 257  ASN C OD1  
155 N ND2  . ASN C 3 ? 0.0116 0.0112 0.0076 -0.0036 -0.0030 -0.0026 257  ASN C ND2  
156 H H    . ASN C 3 ? 0.0212 0.0212 0.0212 0.0000  0.0000  0.0000  257  ASN C H    
157 H HA   . ASN C 3 ? 0.0224 0.0224 0.0224 0.0000  0.0000  0.0000  257  ASN C HA   
158 H HB2  . ASN C 3 ? 0.0339 0.0339 0.0339 0.0000  0.0000  0.0000  257  ASN C HB2  
159 H HB3  . ASN C 3 ? 0.0339 0.0339 0.0339 0.0000  0.0000  0.0000  257  ASN C HB3  
160 H HD21 . ASN C 3 ? 0.0122 0.0122 0.0122 0.0000  0.0000  0.0000  257  ASN C HD21 
161 H HD22 . ASN C 3 ? 0.0122 0.0122 0.0122 0.0000  0.0000  0.0000  257  ASN C HD22 
162 N N    . TYR C 4 ? 0.0218 0.0205 0.0218 -0.0005 -0.0047 -0.0010 258  TYR C N    
163 C CA   . TYR C 4 ? 0.0168 0.0236 0.0216 0.0044  0.0082  -0.0061 258  TYR C CA   
164 C C    . TYR C 4 ? 0.0257 0.0288 0.0186 -0.0041 0.0122  -0.0026 258  TYR C C    
165 O O    . TYR C 4 ? 0.0309 0.0385 0.0196 0.0024  0.0033  -0.0025 258  TYR C O    
166 C CB   . TYR C 4 ? 0.0365 0.0208 0.0209 0.0069  -0.0036 -0.0060 258  TYR C CB   
167 C CG   . TYR C 4 ? 0.0096 0.0202 0.0240 0.0018  0.0022  -0.0046 258  TYR C CG   
168 C CD1  . TYR C 4 ? 0.0242 0.0183 0.0244 0.0009  -0.0047 -0.0024 258  TYR C CD1  
169 C CD2  . TYR C 4 ? 0.0138 0.0174 0.0164 -0.0033 0.0079  0.0020  258  TYR C CD2  
170 C CE1  . TYR C 4 ? 0.0284 0.0154 0.0149 0.0005  -0.0012 0.0041  258  TYR C CE1  
171 C CE2  . TYR C 4 ? 0.0189 0.0253 0.0253 -0.0088 0.0003  -0.0090 258  TYR C CE2  
172 C CZ   . TYR C 4 ? 0.0170 0.0171 0.0229 -0.0015 -0.0014 -0.0017 258  TYR C CZ   
173 O OH   . TYR C 4 ? 0.0324 0.0179 0.0237 -0.0017 0.0056  -0.0023 258  TYR C OH   
174 O OXT  . TYR C 4 ? 0.0340 0.0341 0.0203 0.0050  -0.0033 -0.0064 258  TYR C OXT  
175 H H    . TYR C 4 ? 0.0256 0.0256 0.0256 0.0000  0.0000  0.0000  258  TYR C H    
176 H HA   . TYR C 4 ? 0.0248 0.0248 0.0248 0.0000  0.0000  0.0000  258  TYR C HA   
177 H HB2  . TYR C 4 ? 0.0313 0.0313 0.0313 0.0000  0.0000  0.0000  258  TYR C HB2  
178 H HB3  . TYR C 4 ? 0.0313 0.0313 0.0313 0.0000  0.0000  0.0000  258  TYR C HB3  
179 H HD1  . TYR C 4 ? 0.0267 0.0267 0.0267 0.0000  0.0000  0.0000  258  TYR C HD1  
180 H HD2  . TYR C 4 ? 0.0190 0.0190 0.0190 0.0000  0.0000  0.0000  258  TYR C HD2  
181 H HE1  . TYR C 4 ? 0.0235 0.0235 0.0235 0.0000  0.0000  0.0000  258  TYR C HE1  
182 H HE2  . TYR C 4 ? 0.0278 0.0278 0.0278 0.0000  0.0000  0.0000  258  TYR C HE2  
183 H HH   . TYR C 4 ? 0.0296 0.0296 0.0296 0.0000  0.0000  0.0000  258  TYR C HH   
184 N N    . LEU D 1 ? 0.0359 0.0298 0.0258 0.0007  0.0014  -0.0069 255  LEU M N    
185 C CA   . LEU D 1 ? 0.0373 0.0237 0.0277 -0.0028 0.0118  0.0001  255  LEU M CA   
186 C C    . LEU D 1 ? 0.0342 0.0274 0.0341 -0.0009 0.0063  -0.0074 255  LEU M C    
187 O O    . LEU D 1 ? 0.0259 0.0243 0.0429 0.0017  0.0025  -0.0019 255  LEU M O    
188 C CB   . LEU D 1 ? 0.0421 0.0319 0.0411 0.0088  0.0042  -0.0073 255  LEU M CB   
189 C CG   . LEU D 1 ? 0.0562 0.0374 0.0179 0.0024  0.0012  0.0023  255  LEU M CG   
190 C CD1  . LEU D 1 ? 0.1473 0.0405 0.0439 -0.0027 0.0216  -0.0026 255  LEU M CD1  
191 C CD2  . LEU D 1 ? 0.0953 0.0415 0.0319 -0.0088 -0.0195 -0.0005 255  LEU M CD2  
192 H HA   . LEU D 1 ? 0.0355 0.0355 0.0355 0.0000  0.0000  0.0000  255  LEU M HA   
193 H HB2  . LEU D 1 ? 0.0460 0.0460 0.0460 0.0000  0.0000  0.0000  255  LEU M HB2  
194 H HB3  . LEU D 1 ? 0.0460 0.0460 0.0460 0.0000  0.0000  0.0000  255  LEU M HB3  
195 H HG   . LEU D 1 ? 0.0446 0.0446 0.0446 0.0000  0.0000  0.0000  255  LEU M HG   
196 H HD11 . LEU D 1 ? 0.0927 0.0927 0.0927 0.0000  0.0000  0.0000  255  LEU M HD11 
197 H HD12 . LEU D 1 ? 0.0927 0.0927 0.0927 0.0000  0.0000  0.0000  255  LEU M HD12 
198 H HD13 . LEU D 1 ? 0.0927 0.0927 0.0927 0.0000  0.0000  0.0000  255  LEU M HD13 
199 H HD21 . LEU D 1 ? 0.0675 0.0675 0.0675 0.0000  0.0000  0.0000  255  LEU M HD21 
200 H HD22 . LEU D 1 ? 0.0675 0.0675 0.0675 0.0000  0.0000  0.0000  255  LEU M HD22 
201 H HD23 . LEU D 1 ? 0.0675 0.0675 0.0675 0.0000  0.0000  0.0000  255  LEU M HD23 
202 N N    . GLY D 2 ? 0.0143 0.0236 0.0315 0.0002  0.0085  -0.0086 256  GLY M N    
203 C CA   . GLY D 2 ? 0.0413 0.0225 0.0243 -0.0017 -0.0047 -0.0103 256  GLY M CA   
204 C C    . GLY D 2 ? 0.0214 0.0161 0.0209 0.0026  -0.0019 -0.0030 256  GLY M C    
205 O O    . GLY D 2 ? 0.0236 0.0265 0.0347 0.0100  -0.0054 -0.0130 256  GLY M O    
206 H H    . GLY D 2 ? 0.0278 0.0278 0.0278 0.0000  0.0000  0.0000  256  GLY M H    
207 H HA2  . GLY D 2 ? 0.0352 0.0352 0.0352 0.0000  0.0000  0.0000  256  GLY M HA2  
208 H HA3  . GLY D 2 ? 0.0352 0.0352 0.0352 0.0000  0.0000  0.0000  256  GLY M HA3  
209 N N    . ASN D 3 ? 0.0226 0.0120 0.0198 0.0088  0.0000  -0.0013 257  ASN M N    
210 C CA   . ASN D 3 ? 0.0179 0.0189 0.0188 0.0029  0.0078  -0.0060 257  ASN M CA   
211 C C    . ASN D 3 ? 0.0113 0.0198 0.0143 0.0052  0.0044  -0.0030 257  ASN M C    
212 O O    . ASN D 3 ? 0.0256 0.0247 0.0295 -0.0016 -0.0001 -0.0003 257  ASN M O    
213 C CB   . ASN D 3 ? 0.0286 0.0215 0.0217 -0.0030 0.0008  -0.0073 257  ASN M CB   
214 C CG   . ASN D 3 ? 0.0119 0.0179 0.0246 -0.0018 0.0015  -0.0060 257  ASN M CG   
215 O OD1  . ASN D 3 ? 0.0555 0.0281 0.0553 -0.0009 0.0061  -0.0125 257  ASN M OD1  
216 N ND2  . ASN D 3 ? 0.0087 0.0060 0.0115 0.0032  -0.0036 -0.0017 257  ASN M ND2  
217 H H    . ASN D 3 ? 0.0218 0.0218 0.0218 0.0000  0.0000  0.0000  257  ASN M H    
218 H HA   . ASN D 3 ? 0.0222 0.0222 0.0222 0.0000  0.0000  0.0000  257  ASN M HA   
219 H HB2  . ASN D 3 ? 0.0287 0.0287 0.0287 0.0000  0.0000  0.0000  257  ASN M HB2  
220 H HB3  . ASN D 3 ? 0.0287 0.0287 0.0287 0.0000  0.0000  0.0000  257  ASN M HB3  
221 H HD21 . ASN D 3 ? 0.0105 0.0105 0.0105 0.0000  0.0000  0.0000  257  ASN M HD21 
222 H HD22 . ASN D 3 ? 0.0105 0.0105 0.0105 0.0000  0.0000  0.0000  257  ASN M HD22 
223 N N    . TYR D 4 ? 0.0150 0.0208 0.0258 0.0029  -0.0065 -0.0044 258  TYR M N    
224 C CA   . TYR D 4 ? 0.0077 0.0230 0.0282 -0.0006 0.0000  -0.0046 258  TYR M CA   
225 C C    . TYR D 4 ? 0.0079 0.0252 0.0275 -0.0044 0.0004  -0.0004 258  TYR M C    
226 O O    . TYR D 4 ? 0.0301 0.0273 0.0355 0.0050  0.0039  0.0014  258  TYR M O    
227 C CB   . TYR D 4 ? 0.0282 0.0192 0.0278 -0.0063 0.0066  -0.0013 258  TYR M CB   
228 C CG   . TYR D 4 ? 0.0125 0.0169 0.0200 -0.0077 0.0035  0.0006  258  TYR M CG   
229 C CD1  . TYR D 4 ? 0.0289 0.0194 0.0221 0.0051  -0.0115 -0.0025 258  TYR M CD1  
230 C CD2  . TYR D 4 ? 0.0358 0.0175 0.0190 -0.0028 -0.0002 -0.0036 258  TYR M CD2  
231 C CE1  . TYR D 4 ? 0.0148 0.0194 0.0091 -0.0067 -0.0009 0.0051  258  TYR M CE1  
232 C CE2  . TYR D 4 ? 0.0110 0.0188 0.0320 -0.0034 -0.0052 -0.0024 258  TYR M CE2  
233 C CZ   . TYR D 4 ? 0.0312 0.0228 0.0125 -0.0030 -0.0029 -0.0019 258  TYR M CZ   
234 O OH   . TYR D 4 ? 0.0221 0.0251 0.0235 -0.0037 0.0053  -0.0058 258  TYR M OH   
235 O OXT  . TYR D 4 ? 0.0223 0.0223 0.0267 -0.0070 -0.0005 0.0073  258  TYR M OXT  
236 H H    . TYR D 4 ? 0.0246 0.0246 0.0246 0.0000  0.0000  0.0000  258  TYR M H    
237 H HA   . TYR D 4 ? 0.0236 0.0236 0.0236 0.0000  0.0000  0.0000  258  TYR M HA   
238 H HB2  . TYR D 4 ? 0.0301 0.0301 0.0301 0.0000  0.0000  0.0000  258  TYR M HB2  
239 H HB3  . TYR D 4 ? 0.0301 0.0301 0.0301 0.0000  0.0000  0.0000  258  TYR M HB3  
240 H HD1  . TYR D 4 ? 0.0282 0.0282 0.0282 0.0000  0.0000  0.0000  258  TYR M HD1  
241 H HD2  . TYR D 4 ? 0.0289 0.0289 0.0289 0.0000  0.0000  0.0000  258  TYR M HD2  
242 H HE1  . TYR D 4 ? 0.0172 0.0172 0.0172 0.0000  0.0000  0.0000  258  TYR M HE1  
243 H HE2  . TYR D 4 ? 0.0247 0.0247 0.0247 0.0000  0.0000  0.0000  258  TYR M HE2  
244 H HH   . TYR D 4 ? 0.0283 0.0283 0.0283 0.0000  0.0000  0.0000  258  TYR M HH   
245 S S    A SO4 E . ? 0.0296 0.0315 0.0360 -0.0009 -0.0022 -0.0096 301  SO4 A S    
246 S S    B SO4 E . ? 0.0226 0.0250 0.0209 -0.0043 -0.0003 -0.0083 301  SO4 A S    
247 O O1   A SO4 E . ? 0.0510 0.0315 0.0598 0.0064  0.0035  -0.0130 301  SO4 A O1   
248 O O1   B SO4 E . ? 0.0304 0.0278 0.0214 -0.0103 -0.0008 -0.0040 301  SO4 A O1   
249 O O2   A SO4 E . ? 0.0390 0.0262 0.0472 -0.0130 -0.0002 -0.0041 301  SO4 A O2   
250 O O2   B SO4 E . ? 0.0259 0.0320 0.0301 -0.0096 -0.0060 -0.0120 301  SO4 A O2   
251 O O3   A SO4 E . ? 0.0412 0.0321 0.0335 0.0011  -0.0087 -0.0133 301  SO4 A O3   
252 O O3   B SO4 E . ? 0.0391 0.0195 0.0388 -0.0083 0.0128  -0.0078 301  SO4 A O3   
253 O O4   A SO4 E . ? 0.0467 0.0347 0.0397 -0.0001 0.0114  -0.0133 301  SO4 A O4   
254 O O4   B SO4 E . ? 0.0241 0.0310 0.0385 -0.0133 0.0064  -0.0125 301  SO4 A O4   
255 S S    A SO4 F . ? 0.0265 0.0193 0.0201 -0.0021 0.0022  -0.0021 301  SO4 B S    
256 S S    B SO4 F . ? 0.0298 0.0184 0.0136 -0.0018 0.0018  0.0016  301  SO4 B S    
257 O O1   A SO4 F . ? 0.0335 0.0220 0.0185 0.0029  0.0033  -0.0016 301  SO4 B O1   
258 O O1   B SO4 F . ? 0.0602 0.0304 0.0306 0.0099  -0.0035 -0.0100 301  SO4 B O1   
259 O O2   A SO4 F . ? 0.0147 0.0180 0.0202 0.0065  -0.0037 0.0001  301  SO4 B O2   
260 O O2   B SO4 F . ? 0.0349 0.0288 0.0248 0.0015  0.0098  -0.0126 301  SO4 B O2   
261 O O3   A SO4 F . ? 0.0689 0.0307 0.0361 -0.0134 0.0090  -0.0127 301  SO4 B O3   
262 O O3   B SO4 F . ? 0.0418 0.0215 0.0297 -0.0018 0.0173  -0.0050 301  SO4 B O3   
263 O O4   A SO4 F . ? 0.0214 0.0229 0.0121 -0.0100 0.0063  -0.0057 301  SO4 B O4   
264 O O4   B SO4 F . ? 0.0286 0.0230 0.0189 -0.0138 0.0088  -0.0048 301  SO4 B O4   
265 O O    . HOH G . ? 0.0539 0.0412 0.0375 0.0115  0.0150  -0.0095 2001 HOH A O    
266 O O    . HOH G . ? 0.0474 0.0530 0.0249 -0.0247 0.0003  0.0029  2002 HOH A O    
267 O O    . HOH G . ? 0.3510 0.3097 0.9525 -0.0448 -0.0516 0.1710  2003 HOH A O    
268 O O    . HOH H . ? 0.0462 0.0358 0.0420 -0.0093 -0.0067 -0.0065 2001 HOH B O    
269 O O    . HOH H . ? 0.0450 0.0479 0.0352 0.0065  0.0054  0.0046  2002 HOH B O    
270 O O    . HOH H . ? 0.5215 0.8734 0.5255 -0.0536 -0.2448 -0.1727 2003 HOH B O    
271 O O    . HOH I . ? 0.2035 0.1793 0.1017 0.0120  -0.0077 0.0734  2001 HOH C O    
272 O O    . HOH J . ? 0.2475 0.1870 0.0786 -0.0297 -0.0059 0.0172  2001 HOH M O    
# 
